data_7UPI
#
_entry.id   7UPI
#
_cell.length_a   1.00
_cell.length_b   1.00
_cell.length_c   1.00
_cell.angle_alpha   90.00
_cell.angle_beta   90.00
_cell.angle_gamma   90.00
#
_symmetry.space_group_name_H-M   'P 1'
#
loop_
_entity.id
_entity.type
_entity.pdbx_description
1 polymer 'Ras-related protein M-Ras'
2 polymer 'Serine/threonine-protein phosphatase PP1-alpha catalytic subunit'
3 polymer 'Leucine-rich repeat protein SHOC-2'
4 non-polymer "GUANOSINE-5'-TRIPHOSPHATE"
5 non-polymer 'MAGNESIUM ION'
6 non-polymer 'MANGANESE (II) ION'
7 non-polymer 'CHLORIDE ION'
#
loop_
_entity_poly.entity_id
_entity_poly.type
_entity_poly.pdbx_seq_one_letter_code
_entity_poly.pdbx_strand_id
1 'polypeptide(L)'
;GMATSAVPSDNLPTYKLVVVGDGGVGKSALTIQFFQKIFVPDYDPTIEDSYLKHTEIDNQWAILDVLDTAGLEEFSAMRE
QYMRTGDGFLIVYSVTDKASFEHVDRFHQLILRVKDRESFPMILVANKVDLMHLRKITREQGKEMATKHNIPYIETSAKD
PPLNVDKAFHDLVRVIRQQIPEK
;
A
2 'polypeptide(L)'
;GMSDSEKLNLDSIIGRLLEVQGSRPGKNVQLTENEIRGLCLKSREIFLSQPILLELEAPLKICGDIHGQYYDLLRLFEYG
GFPPESNYLFLGDYVDRGKQSLETICLLLAYKIKYPENFFLLRGNHECASINRIYGFYDECKRRYNIKLWKTFTDCFNCL
PIAAIVDEKIFCCHGGLSPDLQSMEQIRRIMRPTDVPDQGLLCDLLWSDPDKDVQGWGENDRGVSFTFGAEVVAKFLHKH
DLDLICRAHQVVEDGYEFFAKRQLVTLFSAPNYCGEFDNAGAMMSVDETLMCSFQILKPADKNKGKYGQFSGLNPGGRPI
TPPRNSAKAKK
;
B
3 'polypeptide(L)'
;GMSSSLGKEKDSKEKDPKVPSAKEREKEAKASGGFGKESKEKEPKTKGKDAKDGKKDSSAAQPGVAFSVDNTIKRPNPAP
GTRKKSSNAEVIKELNKCREENSMRLDLSKRSIHILPSSIKELTQLTELYLYSNKLQSLPAEVGCLVNLMTLALSENSLT
SLPDSLDNLKKLRMLDLRHNKLREIPSVVYRLDSLTTLYLRFNRITTVEKDIKNLSKLSMLSIRENKIKQLPAEIGELCN
LITLDVAHNQLEHLPKEIGNCTQITNLDLQHNELLDLPDTIGNLSSLSRLGLRYNRLSAIPRSLAKCSALEELNLENNNI
STLPESLLSSLVKLNSLTLARNCFQLYPVGGPSQFSTIYSLNMEHNRINKIPFGIFSRAKVLSKLNMKDNQLTSLPLDFG
TWTSMVELNLATNQLTKIPEDVSGLVSLEVLILSNNLLKKLPHGLGNLRKLRELDLEENKLESLPNEIAYLKDLQKLVLT
NNQLTTLPRGIGHLTNLTHLGLGENLLTHLPEEIGTLENLEELYLNDNPNLHSLPFELALCSKLSIMSIENCPLSHLPPQ
IVAGGPSFIIQFLKMQGPYRAMV
;
C
#
# COMPACT_ATOMS: atom_id res chain seq x y z
N ALA A 6 -15.40 13.34 16.56
CA ALA A 6 -14.94 12.29 15.66
C ALA A 6 -15.22 10.91 16.24
N VAL A 7 -15.64 10.87 17.49
CA VAL A 7 -15.96 9.62 18.17
C VAL A 7 -17.31 9.10 17.70
N PRO A 8 -17.39 7.90 17.15
CA PRO A 8 -18.69 7.35 16.74
C PRO A 8 -19.57 7.06 17.94
N SER A 9 -20.89 7.18 17.72
CA SER A 9 -21.85 6.86 18.75
C SER A 9 -22.15 5.36 18.75
N ASP A 10 -23.11 4.97 19.58
CA ASP A 10 -23.45 3.56 19.75
C ASP A 10 -24.65 3.17 18.89
N ASN A 11 -24.78 1.86 18.66
CA ASN A 11 -25.89 1.28 17.90
C ASN A 11 -25.99 1.89 16.51
N LEU A 12 -24.85 1.99 15.84
CA LEU A 12 -24.82 2.57 14.50
C LEU A 12 -25.43 1.60 13.50
N PRO A 13 -26.22 2.10 12.54
CA PRO A 13 -26.69 1.24 11.45
C PRO A 13 -25.56 0.82 10.55
N THR A 14 -25.69 -0.37 9.97
CA THR A 14 -24.67 -0.94 9.10
C THR A 14 -25.19 -0.98 7.67
N TYR A 15 -24.44 -0.38 6.76
CA TYR A 15 -24.76 -0.38 5.33
C TYR A 15 -23.74 -1.25 4.60
N LYS A 16 -24.23 -2.25 3.87
CA LYS A 16 -23.39 -3.15 3.11
C LYS A 16 -23.34 -2.68 1.66
N LEU A 17 -22.18 -2.19 1.24
CA LEU A 17 -21.99 -1.65 -0.10
C LEU A 17 -21.18 -2.64 -0.92
N VAL A 18 -21.65 -2.93 -2.13
CA VAL A 18 -20.99 -3.87 -3.03
C VAL A 18 -20.60 -3.12 -4.30
N VAL A 19 -19.35 -3.29 -4.71
CA VAL A 19 -18.82 -2.64 -5.91
C VAL A 19 -18.70 -3.70 -7.00
N VAL A 20 -19.35 -3.46 -8.13
CA VAL A 20 -19.38 -4.40 -9.24
C VAL A 20 -18.93 -3.70 -10.51
N GLY A 21 -18.46 -4.49 -11.46
CA GLY A 21 -17.97 -3.97 -12.72
C GLY A 21 -17.02 -4.93 -13.38
N ASP A 22 -16.59 -4.56 -14.58
CA ASP A 22 -15.66 -5.38 -15.33
C ASP A 22 -14.27 -5.34 -14.69
N GLY A 23 -13.40 -6.23 -15.18
CA GLY A 23 -12.04 -6.28 -14.65
C GLY A 23 -11.22 -5.09 -15.11
N GLY A 24 -10.47 -4.53 -14.17
CA GLY A 24 -9.57 -3.44 -14.48
C GLY A 24 -10.21 -2.06 -14.56
N VAL A 25 -11.48 -1.94 -14.19
CA VAL A 25 -12.14 -0.64 -14.28
C VAL A 25 -11.70 0.27 -13.13
N GLY A 26 -11.26 -0.29 -12.01
CA GLY A 26 -10.76 0.51 -10.92
C GLY A 26 -11.57 0.43 -9.65
N LYS A 27 -12.28 -0.69 -9.45
CA LYS A 27 -13.06 -0.88 -8.24
C LYS A 27 -12.15 -0.93 -7.01
N SER A 28 -11.10 -1.74 -7.07
CA SER A 28 -10.19 -1.87 -5.94
C SER A 28 -9.44 -0.57 -5.68
N ALA A 29 -9.03 0.12 -6.75
CA ALA A 29 -8.34 1.40 -6.57
C ALA A 29 -9.26 2.42 -5.89
N LEU A 30 -10.52 2.49 -6.32
CA LEU A 30 -11.47 3.40 -5.69
C LEU A 30 -11.70 3.04 -4.23
N THR A 31 -11.84 1.74 -3.93
CA THR A 31 -12.07 1.33 -2.54
C THR A 31 -10.87 1.66 -1.66
N ILE A 32 -9.65 1.41 -2.17
CA ILE A 32 -8.46 1.71 -1.40
C ILE A 32 -8.30 3.21 -1.19
N GLN A 33 -8.61 4.01 -2.22
CA GLN A 33 -8.56 5.45 -2.07
C GLN A 33 -9.58 5.92 -1.04
N PHE A 34 -10.77 5.31 -1.01
CA PHE A 34 -11.78 5.69 -0.04
C PHE A 34 -11.35 5.32 1.37
N PHE A 35 -10.75 4.15 1.55
CA PHE A 35 -10.39 3.67 2.88
C PHE A 35 -8.97 4.04 3.28
N GLN A 36 -7.98 3.61 2.50
CA GLN A 36 -6.58 3.83 2.84
C GLN A 36 -6.05 5.17 2.35
N LYS A 37 -6.82 5.90 1.55
CA LYS A 37 -6.45 7.23 1.06
C LYS A 37 -5.15 7.21 0.25
N ILE A 38 -4.89 6.11 -0.45
CA ILE A 38 -3.75 5.99 -1.34
C ILE A 38 -4.23 5.42 -2.67
N PHE A 39 -3.40 5.60 -3.69
CA PHE A 39 -3.68 5.09 -5.03
C PHE A 39 -2.68 3.98 -5.35
N VAL A 40 -3.20 2.81 -5.69
CA VAL A 40 -2.33 1.65 -6.02
C VAL A 40 -2.11 1.62 -7.53
N PRO A 41 -0.90 1.95 -8.04
CA PRO A 41 -0.66 1.99 -9.49
C PRO A 41 -0.61 0.63 -10.15
N ASP A 42 -0.36 -0.44 -9.40
CA ASP A 42 -0.26 -1.78 -9.95
C ASP A 42 -1.62 -2.44 -10.00
N TYR A 43 -1.74 -3.43 -10.88
CA TYR A 43 -2.99 -4.15 -11.09
C TYR A 43 -2.87 -5.57 -10.54
N ASP A 44 -3.82 -5.96 -9.70
CA ASP A 44 -3.90 -7.29 -9.14
C ASP A 44 -5.36 -7.71 -9.09
N PRO A 45 -5.75 -8.76 -9.82
CA PRO A 45 -7.15 -9.18 -9.82
C PRO A 45 -7.62 -9.55 -8.42
N THR A 46 -8.86 -9.18 -8.13
CA THR A 46 -9.45 -9.34 -6.80
C THR A 46 -10.47 -10.47 -6.82
N ILE A 47 -10.37 -11.37 -5.84
CA ILE A 47 -11.36 -12.42 -5.67
C ILE A 47 -12.50 -11.85 -4.81
N GLU A 48 -12.17 -11.43 -3.59
CA GLU A 48 -13.14 -10.82 -2.69
C GLU A 48 -12.38 -10.12 -1.58
N ASP A 49 -12.74 -8.86 -1.32
CA ASP A 49 -12.15 -8.10 -0.23
C ASP A 49 -13.25 -7.27 0.43
N SER A 50 -13.21 -7.21 1.76
CA SER A 50 -14.20 -6.48 2.55
C SER A 50 -13.51 -5.43 3.40
N TYR A 51 -14.12 -4.25 3.48
CA TYR A 51 -13.59 -3.14 4.22
C TYR A 51 -14.67 -2.55 5.12
N LEU A 52 -14.25 -2.06 6.28
CA LEU A 52 -15.18 -1.50 7.26
C LEU A 52 -14.67 -0.14 7.73
N LYS A 53 -15.60 0.80 7.91
CA LYS A 53 -15.25 2.16 8.32
C LYS A 53 -16.41 2.77 9.08
N HIS A 54 -16.09 3.47 10.17
CA HIS A 54 -17.06 4.28 10.89
C HIS A 54 -16.96 5.71 10.39
N THR A 55 -18.05 6.21 9.81
CA THR A 55 -18.07 7.56 9.25
C THR A 55 -19.42 8.20 9.49
N GLU A 56 -19.44 9.53 9.48
CA GLU A 56 -20.65 10.31 9.71
C GLU A 56 -21.07 10.95 8.39
N ILE A 57 -22.30 10.66 7.96
CA ILE A 57 -22.84 11.19 6.72
C ILE A 57 -24.13 11.95 7.04
N ASP A 58 -24.19 13.20 6.60
CA ASP A 58 -25.33 14.08 6.87
C ASP A 58 -25.61 14.16 8.37
N ASN A 59 -24.55 14.33 9.16
CA ASN A 59 -24.61 14.44 10.61
C ASN A 59 -25.20 13.19 11.26
N GLN A 60 -25.08 12.04 10.59
CA GLN A 60 -25.55 10.77 11.13
C GLN A 60 -24.43 9.74 11.01
N TRP A 61 -24.02 9.18 12.15
CA TRP A 61 -22.96 8.17 12.13
C TRP A 61 -23.49 6.86 11.57
N ALA A 62 -22.64 6.16 10.82
CA ALA A 62 -23.02 4.90 10.21
C ALA A 62 -21.77 4.04 10.03
N ILE A 63 -22.00 2.74 9.89
CA ILE A 63 -20.93 1.78 9.63
C ILE A 63 -21.04 1.33 8.18
N LEU A 64 -19.99 1.58 7.41
CA LEU A 64 -19.96 1.24 5.99
C LEU A 64 -19.14 -0.04 5.81
N ASP A 65 -19.76 -1.06 5.23
CA ASP A 65 -19.12 -2.34 4.95
C ASP A 65 -19.04 -2.49 3.45
N VAL A 66 -17.97 -1.95 2.86
CA VAL A 66 -17.79 -1.99 1.42
C VAL A 66 -17.19 -3.33 1.03
N LEU A 67 -17.83 -4.00 0.08
CA LEU A 67 -17.40 -5.30 -0.41
C LEU A 67 -16.95 -5.19 -1.85
N ASP A 68 -15.73 -5.66 -2.14
CA ASP A 68 -15.16 -5.60 -3.47
C ASP A 68 -15.25 -6.97 -4.12
N THR A 69 -15.85 -7.02 -5.32
CA THR A 69 -16.09 -8.27 -6.01
C THR A 69 -15.04 -8.48 -7.11
N ALA A 70 -15.25 -9.51 -7.93
CA ALA A 70 -14.33 -9.89 -8.98
C ALA A 70 -14.87 -9.44 -10.33
N GLY A 71 -14.05 -8.72 -11.09
CA GLY A 71 -14.45 -8.27 -12.41
C GLY A 71 -14.16 -9.28 -13.49
N LEU A 72 -13.24 -10.20 -13.22
CA LEU A 72 -12.86 -11.23 -14.19
C LEU A 72 -13.73 -12.47 -14.00
N GLU A 73 -14.07 -13.13 -15.10
CA GLU A 73 -14.91 -14.31 -15.04
C GLU A 73 -14.19 -15.47 -14.37
N GLU A 74 -12.86 -15.53 -14.48
CA GLU A 74 -12.11 -16.59 -13.81
C GLU A 74 -12.21 -16.46 -12.29
N PHE A 75 -12.15 -15.23 -11.79
CA PHE A 75 -12.18 -14.99 -10.34
C PHE A 75 -13.59 -14.81 -9.79
N SER A 76 -14.61 -14.75 -10.65
CA SER A 76 -15.99 -14.52 -10.21
C SER A 76 -16.68 -15.87 -10.03
N ALA A 77 -16.37 -16.52 -8.91
CA ALA A 77 -16.97 -17.79 -8.55
C ALA A 77 -18.13 -17.65 -7.58
N MET A 78 -18.00 -16.81 -6.56
CA MET A 78 -19.04 -16.57 -5.58
C MET A 78 -19.61 -15.16 -5.67
N ARG A 79 -19.50 -14.54 -6.85
CA ARG A 79 -19.88 -13.13 -6.98
C ARG A 79 -21.36 -12.93 -6.70
N GLU A 80 -22.20 -13.85 -7.17
CA GLU A 80 -23.65 -13.73 -6.94
C GLU A 80 -23.97 -13.82 -5.46
N GLN A 81 -23.29 -14.70 -4.73
CA GLN A 81 -23.53 -14.83 -3.29
C GLN A 81 -23.14 -13.55 -2.55
N TYR A 82 -21.99 -12.96 -2.89
CA TYR A 82 -21.59 -11.72 -2.25
C TYR A 82 -22.52 -10.57 -2.60
N MET A 83 -23.01 -10.54 -3.84
CA MET A 83 -23.96 -9.50 -4.23
C MET A 83 -25.31 -9.68 -3.55
N ARG A 84 -25.69 -10.92 -3.26
CA ARG A 84 -27.00 -11.17 -2.64
C ARG A 84 -27.10 -10.57 -1.24
N THR A 85 -25.98 -10.44 -0.55
CA THR A 85 -25.96 -9.95 0.82
C THR A 85 -25.78 -8.44 0.93
N GLY A 86 -25.72 -7.73 -0.20
CA GLY A 86 -25.47 -6.31 -0.16
C GLY A 86 -26.73 -5.47 -0.09
N ASP A 87 -26.56 -4.23 0.37
CA ASP A 87 -27.65 -3.26 0.45
C ASP A 87 -27.58 -2.21 -0.65
N GLY A 88 -26.39 -1.89 -1.14
CA GLY A 88 -26.24 -0.94 -2.22
C GLY A 88 -25.14 -1.39 -3.16
N PHE A 89 -25.24 -0.93 -4.40
CA PHE A 89 -24.32 -1.35 -5.45
C PHE A 89 -23.74 -0.13 -6.17
N LEU A 90 -22.46 -0.23 -6.52
CA LEU A 90 -21.80 0.74 -7.38
C LEU A 90 -21.41 0.04 -8.67
N ILE A 91 -21.99 0.49 -9.78
CA ILE A 91 -21.68 -0.06 -11.10
C ILE A 91 -20.57 0.80 -11.68
N VAL A 92 -19.34 0.28 -11.64
CA VAL A 92 -18.15 1.04 -12.04
C VAL A 92 -17.70 0.54 -13.42
N TYR A 93 -17.49 1.47 -14.33
CA TYR A 93 -16.94 1.18 -15.64
C TYR A 93 -15.84 2.18 -15.95
N SER A 94 -14.96 1.79 -16.85
CA SER A 94 -13.84 2.64 -17.27
C SER A 94 -14.22 3.38 -18.54
N VAL A 95 -14.05 4.70 -18.53
CA VAL A 95 -14.34 5.51 -19.71
C VAL A 95 -13.40 5.23 -20.86
N THR A 96 -12.29 4.55 -20.61
CA THR A 96 -11.33 4.17 -21.64
C THR A 96 -11.58 2.77 -22.19
N ASP A 97 -12.67 2.12 -21.77
CA ASP A 97 -12.98 0.76 -22.20
C ASP A 97 -14.46 0.69 -22.56
N LYS A 98 -14.75 0.47 -23.84
CA LYS A 98 -16.13 0.40 -24.28
C LYS A 98 -16.83 -0.86 -23.75
N ALA A 99 -16.10 -1.96 -23.63
CA ALA A 99 -16.71 -3.20 -23.16
C ALA A 99 -17.22 -3.06 -21.74
N SER A 100 -16.48 -2.36 -20.88
CA SER A 100 -16.95 -2.14 -19.51
C SER A 100 -18.24 -1.34 -19.49
N PHE A 101 -18.34 -0.32 -20.35
CA PHE A 101 -19.57 0.46 -20.42
C PHE A 101 -20.72 -0.37 -20.96
N GLU A 102 -20.45 -1.25 -21.92
CA GLU A 102 -21.50 -2.11 -22.47
C GLU A 102 -22.00 -3.11 -21.44
N HIS A 103 -21.10 -3.63 -20.60
CA HIS A 103 -21.48 -4.63 -19.61
C HIS A 103 -22.27 -4.05 -18.43
N VAL A 104 -22.50 -2.72 -18.43
CA VAL A 104 -23.30 -2.13 -17.38
C VAL A 104 -24.72 -2.70 -17.39
N ASP A 105 -25.28 -2.91 -18.59
CA ASP A 105 -26.60 -3.52 -18.70
C ASP A 105 -26.62 -4.91 -18.10
N ARG A 106 -25.59 -5.72 -18.40
CA ARG A 106 -25.52 -7.07 -17.86
C ARG A 106 -25.41 -7.05 -16.34
N PHE A 107 -24.60 -6.14 -15.80
CA PHE A 107 -24.47 -6.07 -14.35
C PHE A 107 -25.77 -5.61 -13.69
N HIS A 108 -26.46 -4.65 -14.30
CA HIS A 108 -27.74 -4.20 -13.76
C HIS A 108 -28.76 -5.33 -13.77
N GLN A 109 -28.81 -6.10 -14.86
CA GLN A 109 -29.73 -7.23 -14.93
C GLN A 109 -29.37 -8.28 -13.88
N LEU A 110 -28.08 -8.53 -13.68
CA LEU A 110 -27.66 -9.50 -12.67
C LEU A 110 -28.07 -9.04 -11.28
N ILE A 111 -27.90 -7.76 -10.98
CA ILE A 111 -28.29 -7.23 -9.67
C ILE A 111 -29.79 -7.38 -9.48
N LEU A 112 -30.58 -7.03 -10.50
CA LEU A 112 -32.03 -7.15 -10.40
C LEU A 112 -32.44 -8.62 -10.21
N ARG A 113 -31.76 -9.54 -10.89
CA ARG A 113 -32.11 -10.95 -10.79
C ARG A 113 -31.80 -11.50 -9.40
N VAL A 114 -30.60 -11.19 -8.89
CA VAL A 114 -30.22 -11.71 -7.58
C VAL A 114 -31.06 -11.09 -6.47
N LYS A 115 -31.41 -9.80 -6.61
CA LYS A 115 -32.26 -9.16 -5.62
C LYS A 115 -33.74 -9.43 -5.84
N ASP A 116 -34.12 -9.92 -7.02
CA ASP A 116 -35.51 -10.24 -7.35
C ASP A 116 -36.43 -9.04 -7.11
N ARG A 117 -35.95 -7.86 -7.50
CA ARG A 117 -36.71 -6.62 -7.35
C ARG A 117 -36.67 -5.83 -8.64
N GLU A 118 -37.72 -5.04 -8.87
CA GLU A 118 -37.77 -4.21 -10.07
C GLU A 118 -36.72 -3.11 -10.02
N SER A 119 -36.53 -2.50 -8.86
CA SER A 119 -35.53 -1.45 -8.69
C SER A 119 -34.77 -1.69 -7.40
N PHE A 120 -33.52 -1.21 -7.36
CA PHE A 120 -32.67 -1.37 -6.20
C PHE A 120 -31.70 -0.20 -6.15
N PRO A 121 -31.32 0.25 -4.95
CA PRO A 121 -30.37 1.38 -4.86
C PRO A 121 -29.04 1.05 -5.49
N MET A 122 -28.68 1.82 -6.52
CA MET A 122 -27.40 1.65 -7.19
C MET A 122 -27.03 2.95 -7.88
N ILE A 123 -25.73 3.10 -8.15
CA ILE A 123 -25.19 4.30 -8.77
C ILE A 123 -24.22 3.89 -9.86
N LEU A 124 -24.32 4.55 -11.03
CA LEU A 124 -23.41 4.32 -12.13
C LEU A 124 -22.18 5.20 -11.95
N VAL A 125 -21.00 4.59 -11.95
CA VAL A 125 -19.75 5.28 -11.69
C VAL A 125 -18.88 5.20 -12.94
N ALA A 126 -18.43 6.35 -13.42
CA ALA A 126 -17.51 6.44 -14.55
C ALA A 126 -16.11 6.73 -14.00
N ASN A 127 -15.23 5.75 -14.09
CA ASN A 127 -13.90 5.85 -13.52
C ASN A 127 -12.87 6.22 -14.59
N LYS A 128 -11.69 6.63 -14.10
CA LYS A 128 -10.55 6.98 -14.95
C LYS A 128 -10.82 8.18 -15.84
N VAL A 129 -11.57 9.16 -15.25
CA VAL A 129 -11.85 10.33 -16.07
C VAL A 129 -10.66 11.26 -16.22
N ASP A 130 -9.57 11.01 -15.50
CA ASP A 130 -8.40 11.82 -15.67
C ASP A 130 -7.68 11.50 -16.97
N LEU A 131 -7.86 10.27 -17.43
CA LEU A 131 -7.26 9.85 -18.70
C LEU A 131 -8.08 10.42 -19.86
N MET A 132 -7.98 11.74 -20.02
CA MET A 132 -8.75 12.43 -21.05
C MET A 132 -8.31 12.05 -22.45
N HIS A 133 -7.02 11.78 -22.64
CA HIS A 133 -6.54 11.43 -23.98
C HIS A 133 -6.98 10.03 -24.39
N LEU A 134 -7.17 9.12 -23.43
CA LEU A 134 -7.60 7.76 -23.71
C LEU A 134 -9.09 7.56 -23.51
N ARG A 135 -9.84 8.60 -23.18
CA ARG A 135 -11.26 8.46 -22.93
C ARG A 135 -12.01 8.14 -24.22
N LYS A 136 -12.83 7.08 -24.17
CA LYS A 136 -13.64 6.68 -25.31
C LYS A 136 -15.13 6.82 -25.07
N ILE A 137 -15.57 6.85 -23.82
CA ILE A 137 -16.98 7.02 -23.47
C ILE A 137 -17.16 8.44 -22.95
N THR A 138 -18.01 9.22 -23.62
CA THR A 138 -18.23 10.60 -23.26
C THR A 138 -19.22 10.71 -22.10
N ARG A 139 -19.28 11.90 -21.51
CA ARG A 139 -20.20 12.13 -20.40
C ARG A 139 -21.65 11.98 -20.83
N GLU A 140 -21.97 12.35 -22.07
CA GLU A 140 -23.34 12.25 -22.55
C GLU A 140 -23.80 10.80 -22.59
N GLN A 141 -22.93 9.89 -23.03
CA GLN A 141 -23.29 8.48 -23.06
C GLN A 141 -23.53 7.94 -21.65
N GLY A 142 -22.71 8.36 -20.69
CA GLY A 142 -22.88 7.90 -19.32
C GLY A 142 -24.19 8.37 -18.71
N LYS A 143 -24.52 9.65 -18.90
CA LYS A 143 -25.78 10.17 -18.37
C LYS A 143 -26.97 9.52 -19.06
N GLU A 144 -26.86 9.25 -20.36
CA GLU A 144 -27.92 8.54 -21.07
C GLU A 144 -28.12 7.14 -20.52
N MET A 145 -27.03 6.43 -20.24
CA MET A 145 -27.12 5.12 -19.60
C MET A 145 -27.75 5.22 -18.22
N ALA A 146 -27.35 6.23 -17.45
CA ALA A 146 -27.93 6.42 -16.12
C ALA A 146 -29.42 6.77 -16.18
N THR A 147 -29.79 7.63 -17.14
CA THR A 147 -31.18 8.03 -17.26
C THR A 147 -32.07 6.86 -17.66
N LYS A 148 -31.59 5.99 -18.53
CA LYS A 148 -32.35 4.81 -18.94
C LYS A 148 -32.62 3.90 -17.75
N HIS A 149 -31.58 3.56 -17.01
CA HIS A 149 -31.74 2.73 -15.81
C HIS A 149 -32.35 3.49 -14.65
N ASN A 150 -32.45 4.82 -14.75
CA ASN A 150 -33.01 5.67 -13.70
C ASN A 150 -32.16 5.60 -12.44
N ILE A 151 -30.85 5.83 -12.60
CA ILE A 151 -29.92 5.77 -11.45
C ILE A 151 -29.01 6.98 -11.50
N PRO A 152 -28.50 7.39 -10.34
CA PRO A 152 -27.58 8.53 -10.30
C PRO A 152 -26.29 8.24 -11.05
N TYR A 153 -25.74 9.29 -11.66
CA TYR A 153 -24.49 9.21 -12.41
C TYR A 153 -23.44 10.09 -11.77
N ILE A 154 -22.22 9.57 -11.68
CA ILE A 154 -21.11 10.31 -11.09
C ILE A 154 -19.82 9.86 -11.77
N GLU A 155 -18.90 10.79 -11.96
CA GLU A 155 -17.59 10.52 -12.54
C GLU A 155 -16.53 10.63 -11.46
N THR A 156 -15.67 9.61 -11.37
CA THR A 156 -14.67 9.54 -10.32
C THR A 156 -13.31 9.26 -10.93
N SER A 157 -12.26 9.66 -10.20
CA SER A 157 -10.88 9.38 -10.58
C SER A 157 -10.13 8.92 -9.34
N ALA A 158 -9.65 7.68 -9.37
CA ALA A 158 -8.93 7.14 -8.22
C ALA A 158 -7.49 7.64 -8.13
N LYS A 159 -6.90 8.04 -9.26
CA LYS A 159 -5.53 8.54 -9.23
C LYS A 159 -5.46 9.88 -8.50
N ASP A 160 -4.37 10.09 -7.79
CA ASP A 160 -4.18 11.32 -7.02
C ASP A 160 -4.06 12.50 -7.97
N PRO A 161 -4.79 13.60 -7.73
CA PRO A 161 -5.74 13.77 -6.62
C PRO A 161 -7.08 13.09 -6.87
N PRO A 162 -7.65 12.48 -5.82
CA PRO A 162 -8.93 11.78 -5.99
C PRO A 162 -10.05 12.73 -6.35
N LEU A 163 -11.00 12.22 -7.13
CA LEU A 163 -12.15 12.99 -7.59
C LEU A 163 -13.42 12.24 -7.20
N ASN A 164 -14.16 12.79 -6.22
CA ASN A 164 -15.46 12.28 -5.82
C ASN A 164 -15.39 10.81 -5.37
N VAL A 165 -14.26 10.41 -4.80
CA VAL A 165 -14.13 9.02 -4.33
C VAL A 165 -15.04 8.79 -3.14
N ASP A 166 -15.00 9.68 -2.16
CA ASP A 166 -15.90 9.57 -1.01
C ASP A 166 -17.31 9.97 -1.38
N LYS A 167 -17.47 10.85 -2.37
CA LYS A 167 -18.79 11.34 -2.75
C LYS A 167 -19.66 10.21 -3.28
N ALA A 168 -19.08 9.28 -4.04
CA ALA A 168 -19.86 8.17 -4.58
C ALA A 168 -20.43 7.30 -3.46
N PHE A 169 -19.59 6.93 -2.49
CA PHE A 169 -20.07 6.11 -1.38
C PHE A 169 -21.09 6.86 -0.53
N HIS A 170 -20.85 8.16 -0.28
CA HIS A 170 -21.81 8.94 0.50
C HIS A 170 -23.14 9.05 -0.21
N ASP A 171 -23.12 9.26 -1.53
CA ASP A 171 -24.37 9.33 -2.30
C ASP A 171 -25.09 7.98 -2.30
N LEU A 172 -24.34 6.88 -2.38
CA LEU A 172 -24.97 5.56 -2.30
C LEU A 172 -25.63 5.36 -0.94
N VAL A 173 -24.96 5.78 0.14
CA VAL A 173 -25.56 5.67 1.47
C VAL A 173 -26.81 6.52 1.56
N ARG A 174 -26.78 7.73 0.99
CA ARG A 174 -27.96 8.59 0.99
C ARG A 174 -29.11 7.95 0.22
N VAL A 175 -28.81 7.34 -0.93
CA VAL A 175 -29.85 6.65 -1.71
C VAL A 175 -30.44 5.50 -0.92
N ILE A 176 -29.59 4.74 -0.21
CA ILE A 176 -30.09 3.65 0.62
C ILE A 176 -30.99 4.20 1.71
N ARG A 177 -30.62 5.32 2.33
CA ARG A 177 -31.43 5.91 3.38
C ARG A 177 -32.78 6.38 2.83
N GLN A 178 -32.79 6.96 1.64
CA GLN A 178 -34.02 7.49 1.06
C GLN A 178 -35.04 6.38 0.81
N GLN A 179 -34.59 5.25 0.26
CA GLN A 179 -35.49 4.15 -0.05
C GLN A 179 -35.73 3.25 1.16
N LEU B 8 29.74 -10.61 4.16
CA LEU B 8 31.01 -9.94 3.97
C LEU B 8 30.88 -8.45 4.28
N ASN B 9 30.28 -7.70 3.35
CA ASN B 9 30.07 -6.27 3.58
C ASN B 9 29.08 -6.03 4.72
N LEU B 10 28.04 -6.85 4.79
CA LEU B 10 27.06 -6.71 5.87
C LEU B 10 27.72 -6.99 7.23
N ASP B 11 28.56 -8.02 7.29
CA ASP B 11 29.29 -8.31 8.53
C ASP B 11 30.22 -7.17 8.90
N SER B 12 30.87 -6.56 7.91
CA SER B 12 31.73 -5.41 8.18
C SER B 12 30.92 -4.24 8.73
N ILE B 13 29.74 -4.00 8.15
CA ILE B 13 28.88 -2.91 8.65
C ILE B 13 28.46 -3.18 10.08
N ILE B 14 28.05 -4.42 10.38
CA ILE B 14 27.62 -4.76 11.73
C ILE B 14 28.78 -4.60 12.71
N GLY B 15 29.98 -5.06 12.32
CA GLY B 15 31.14 -4.90 13.18
C GLY B 15 31.49 -3.45 13.45
N ARG B 16 31.42 -2.61 12.41
CA ARG B 16 31.71 -1.19 12.58
C ARG B 16 30.64 -0.51 13.45
N LEU B 17 29.39 -0.97 13.37
CA LEU B 17 28.35 -0.41 14.22
C LEU B 17 28.51 -0.86 15.67
N LEU B 18 28.97 -2.09 15.90
CA LEU B 18 29.09 -2.62 17.25
C LEU B 18 30.44 -2.32 17.91
N GLU B 19 31.43 -1.85 17.16
CA GLU B 19 32.73 -1.57 17.76
C GLU B 19 32.69 -0.42 18.75
N VAL B 20 31.67 0.44 18.67
CA VAL B 20 31.54 1.55 19.63
C VAL B 20 30.92 1.12 20.94
N GLN B 21 30.55 -0.15 21.07
CA GLN B 21 29.96 -0.64 22.32
C GLN B 21 30.96 -0.52 23.46
N GLY B 22 30.49 -0.03 24.60
CA GLY B 22 31.31 0.15 25.78
C GLY B 22 32.02 1.49 25.87
N SER B 23 32.05 2.26 24.78
CA SER B 23 32.66 3.57 24.81
C SER B 23 31.68 4.60 25.36
N ARG B 24 32.16 5.83 25.52
CA ARG B 24 31.30 6.90 26.01
C ARG B 24 30.21 7.22 25.00
N PRO B 25 29.01 7.54 25.46
CA PRO B 25 27.91 7.86 24.53
C PRO B 25 28.20 9.11 23.72
N GLY B 26 27.63 9.16 22.52
CA GLY B 26 27.82 10.28 21.62
C GLY B 26 28.79 10.05 20.48
N LYS B 27 29.56 8.97 20.52
CA LYS B 27 30.50 8.67 19.45
C LYS B 27 29.74 8.11 18.25
N ASN B 28 29.82 8.81 17.13
CA ASN B 28 29.10 8.41 15.92
C ASN B 28 29.87 7.32 15.18
N VAL B 29 29.17 6.65 14.27
CA VAL B 29 29.74 5.63 13.40
C VAL B 29 29.65 6.14 11.97
N GLN B 30 30.80 6.21 11.30
CA GLN B 30 30.87 6.80 9.96
C GLN B 30 30.74 5.70 8.92
N LEU B 31 29.56 5.57 8.36
CA LEU B 31 29.30 4.64 7.25
C LEU B 31 29.05 5.45 5.98
N THR B 32 29.56 4.93 4.86
CA THR B 32 29.39 5.62 3.59
C THR B 32 27.93 5.57 3.15
N GLU B 33 27.57 6.51 2.27
CA GLU B 33 26.18 6.64 1.84
C GLU B 33 25.72 5.41 1.07
N ASN B 34 26.61 4.82 0.26
CA ASN B 34 26.21 3.67 -0.54
C ASN B 34 25.83 2.48 0.31
N GLU B 35 26.57 2.26 1.42
CA GLU B 35 26.23 1.14 2.31
C GLU B 35 24.86 1.33 2.95
N ILE B 36 24.57 2.56 3.40
CA ILE B 36 23.27 2.82 4.01
C ILE B 36 22.16 2.67 2.97
N ARG B 37 22.39 3.15 1.75
CA ARG B 37 21.40 3.00 0.69
C ARG B 37 21.14 1.53 0.38
N GLY B 38 22.19 0.72 0.30
CA GLY B 38 22.02 -0.70 0.07
C GLY B 38 21.27 -1.38 1.21
N LEU B 39 21.59 -1.00 2.45
CA LEU B 39 20.85 -1.53 3.59
C LEU B 39 19.37 -1.21 3.48
N CYS B 40 19.06 0.04 3.14
CA CYS B 40 17.66 0.44 3.01
C CYS B 40 16.96 -0.34 1.92
N LEU B 41 17.62 -0.51 0.77
CA LEU B 41 16.99 -1.20 -0.35
C LEU B 41 16.73 -2.67 -0.01
N LYS B 42 17.73 -3.35 0.56
CA LYS B 42 17.56 -4.76 0.91
C LYS B 42 16.53 -4.94 2.01
N SER B 43 16.50 -4.03 2.99
CA SER B 43 15.50 -4.11 4.04
C SER B 43 14.10 -3.90 3.47
N ARG B 44 13.96 -2.98 2.52
CA ARG B 44 12.66 -2.78 1.87
C ARG B 44 12.23 -4.03 1.12
N GLU B 45 13.16 -4.67 0.41
CA GLU B 45 12.84 -5.91 -0.29
C GLU B 45 12.38 -6.98 0.70
N ILE B 46 13.07 -7.11 1.83
CA ILE B 46 12.70 -8.13 2.81
C ILE B 46 11.35 -7.81 3.44
N PHE B 47 11.09 -6.52 3.72
CA PHE B 47 9.81 -6.12 4.28
C PHE B 47 8.67 -6.44 3.33
N LEU B 48 8.85 -6.17 2.04
CA LEU B 48 7.82 -6.52 1.06
C LEU B 48 7.74 -8.02 0.83
N SER B 49 8.78 -8.77 1.19
CA SER B 49 8.76 -10.22 1.07
C SER B 49 8.01 -10.92 2.18
N GLN B 50 7.55 -10.18 3.20
CA GLN B 50 6.90 -10.76 4.36
C GLN B 50 5.52 -10.14 4.56
N PRO B 51 4.60 -10.85 5.20
CA PRO B 51 3.24 -10.31 5.38
C PRO B 51 3.24 -9.07 6.25
N ILE B 52 2.27 -8.19 5.99
CA ILE B 52 2.14 -6.96 6.76
C ILE B 52 1.70 -7.27 8.20
N LEU B 53 0.93 -8.35 8.38
CA LEU B 53 0.52 -8.80 9.71
C LEU B 53 1.37 -10.02 10.06
N LEU B 54 2.40 -9.81 10.87
CA LEU B 54 3.31 -10.89 11.21
C LEU B 54 2.65 -11.87 12.17
N GLU B 55 3.03 -13.15 12.04
CA GLU B 55 2.57 -14.22 12.93
C GLU B 55 3.82 -14.88 13.49
N LEU B 56 4.28 -14.40 14.64
CA LEU B 56 5.53 -14.83 15.23
C LEU B 56 5.29 -15.94 16.25
N GLU B 57 6.38 -16.58 16.66
CA GLU B 57 6.33 -17.68 17.62
C GLU B 57 7.36 -17.47 18.71
N ALA B 58 7.02 -17.89 19.92
CA ALA B 58 7.94 -17.79 21.04
C ALA B 58 9.08 -18.80 20.87
N PRO B 59 10.26 -18.52 21.45
CA PRO B 59 10.65 -17.37 22.27
C PRO B 59 10.81 -16.08 21.45
N LEU B 60 10.65 -14.94 22.11
CA LEU B 60 10.71 -13.65 21.44
C LEU B 60 10.96 -12.56 22.45
N LYS B 61 11.75 -11.56 22.07
CA LYS B 61 11.97 -10.36 22.86
C LYS B 61 11.22 -9.20 22.22
N ILE B 62 10.46 -8.46 23.03
CA ILE B 62 9.65 -7.36 22.54
C ILE B 62 10.16 -6.07 23.19
N CYS B 63 10.43 -5.07 22.35
CA CYS B 63 11.01 -3.81 22.79
C CYS B 63 10.13 -2.66 22.33
N GLY B 64 10.13 -1.58 23.11
CA GLY B 64 9.34 -0.41 22.84
C GLY B 64 10.07 0.62 22.00
N ASP B 65 9.73 1.89 22.24
CA ASP B 65 10.33 2.99 21.48
C ASP B 65 11.82 3.12 21.79
N ILE B 66 12.59 3.46 20.77
CA ILE B 66 14.02 3.72 20.92
C ILE B 66 14.34 5.19 20.72
N HIS B 67 13.78 5.81 19.69
CA HIS B 67 13.94 7.24 19.40
C HIS B 67 15.41 7.63 19.31
N GLY B 68 16.18 6.83 18.58
CA GLY B 68 17.56 7.17 18.26
C GLY B 68 18.56 7.02 19.37
N GLN B 69 18.13 6.52 20.50
CA GLN B 69 19.08 6.31 21.62
C GLN B 69 19.85 5.03 21.31
N TYR B 70 20.89 5.13 20.48
CA TYR B 70 21.66 3.93 20.03
C TYR B 70 22.30 3.20 21.19
N TYR B 71 22.90 3.94 22.13
CA TYR B 71 23.65 3.27 23.23
C TYR B 71 22.68 2.48 24.09
N ASP B 72 21.44 2.94 24.21
CA ASP B 72 20.42 2.15 24.96
C ASP B 72 20.01 0.94 24.12
N LEU B 73 19.99 1.07 22.79
CA LEU B 73 19.71 -0.12 21.95
C LEU B 73 20.81 -1.15 22.24
N LEU B 74 22.05 -0.70 22.35
CA LEU B 74 23.17 -1.60 22.64
C LEU B 74 23.02 -2.23 24.02
N ARG B 75 22.57 -1.44 25.00
CA ARG B 75 22.32 -1.99 26.33
C ARG B 75 21.22 -3.05 26.29
N LEU B 76 20.16 -2.79 25.53
CA LEU B 76 19.09 -3.78 25.37
C LEU B 76 19.61 -5.07 24.75
N PHE B 77 20.45 -4.95 23.71
CA PHE B 77 21.02 -6.14 23.09
C PHE B 77 21.92 -6.89 24.05
N GLU B 78 22.71 -6.17 24.85
CA GLU B 78 23.57 -6.81 25.84
C GLU B 78 22.75 -7.57 26.88
N TYR B 79 21.67 -6.95 27.36
CA TYR B 79 20.82 -7.61 28.35
C TYR B 79 20.13 -8.84 27.77
N GLY B 80 19.56 -8.71 26.58
CA GLY B 80 18.82 -9.80 25.97
C GLY B 80 19.62 -10.76 25.12
N GLY B 81 20.85 -10.40 24.76
CA GLY B 81 21.66 -11.24 23.90
C GLY B 81 21.62 -10.78 22.46
N PHE B 82 22.79 -10.52 21.87
CA PHE B 82 22.86 -10.09 20.50
C PHE B 82 22.36 -11.19 19.57
N PRO B 83 21.73 -10.83 18.45
CA PRO B 83 21.24 -11.85 17.51
C PRO B 83 22.39 -12.63 16.92
N PRO B 84 22.14 -13.88 16.49
CA PRO B 84 20.83 -14.56 16.50
C PRO B 84 20.57 -15.37 17.76
N GLU B 85 21.14 -14.97 18.89
CA GLU B 85 20.93 -15.71 20.13
C GLU B 85 19.47 -15.70 20.54
N SER B 86 18.80 -14.56 20.41
CA SER B 86 17.39 -14.44 20.77
C SER B 86 16.65 -13.66 19.70
N ASN B 87 15.39 -14.02 19.49
CA ASN B 87 14.54 -13.31 18.54
C ASN B 87 14.05 -11.99 19.14
N TYR B 88 13.93 -10.98 18.28
CA TYR B 88 13.57 -9.64 18.71
C TYR B 88 12.38 -9.13 17.90
N LEU B 89 11.47 -8.44 18.57
CA LEU B 89 10.36 -7.75 17.93
C LEU B 89 10.31 -6.32 18.45
N PHE B 90 10.47 -5.36 17.56
CA PHE B 90 10.44 -3.94 17.91
C PHE B 90 9.13 -3.32 17.45
N LEU B 91 8.56 -2.46 18.30
CA LEU B 91 7.22 -1.93 18.09
C LEU B 91 7.20 -0.58 17.38
N GLY B 92 8.36 -0.06 16.98
CA GLY B 92 8.42 1.17 16.20
C GLY B 92 9.08 2.30 16.95
N ASP B 93 9.06 3.48 16.31
CA ASP B 93 9.66 4.70 16.83
C ASP B 93 11.16 4.51 17.08
N TYR B 94 11.88 4.26 15.99
CA TYR B 94 13.33 4.08 16.06
C TYR B 94 14.09 5.38 15.82
N VAL B 95 13.47 6.38 15.22
CA VAL B 95 14.16 7.61 14.85
C VAL B 95 13.53 8.79 15.59
N ASP B 96 14.07 9.99 15.33
CA ASP B 96 13.63 11.24 15.94
C ASP B 96 13.92 11.29 17.44
N ARG B 97 14.00 12.51 17.98
CA ARG B 97 14.20 12.74 19.41
C ARG B 97 15.43 11.99 19.93
N GLY B 98 16.48 11.96 19.11
CA GLY B 98 17.71 11.28 19.49
C GLY B 98 18.87 11.78 18.68
N LYS B 99 20.06 11.71 19.27
CA LYS B 99 21.26 12.21 18.61
C LYS B 99 21.88 11.21 17.65
N GLN B 100 21.49 9.94 17.72
CA GLN B 100 22.09 8.89 16.89
C GLN B 100 21.01 8.02 16.25
N SER B 101 20.02 8.67 15.65
CA SER B 101 18.96 7.95 14.97
C SER B 101 19.51 7.13 13.80
N LEU B 102 20.47 7.70 13.06
CA LEU B 102 21.02 7.01 11.90
C LEU B 102 21.68 5.70 12.30
N GLU B 103 22.48 5.72 13.37
CA GLU B 103 23.14 4.50 13.83
C GLU B 103 22.12 3.45 14.25
N THR B 104 21.09 3.87 14.98
CA THR B 104 20.06 2.94 15.44
C THR B 104 19.36 2.29 14.26
N ILE B 105 18.91 3.10 13.30
CA ILE B 105 18.16 2.54 12.17
C ILE B 105 19.06 1.68 11.31
N CYS B 106 20.32 2.07 11.13
CA CYS B 106 21.24 1.26 10.34
C CYS B 106 21.49 -0.09 11.00
N LEU B 107 21.70 -0.11 12.33
CA LEU B 107 21.90 -1.38 13.02
C LEU B 107 20.66 -2.25 12.93
N LEU B 108 19.48 -1.66 13.11
CA LEU B 108 18.25 -2.44 13.03
C LEU B 108 18.05 -3.03 11.62
N LEU B 109 18.32 -2.23 10.59
CA LEU B 109 18.18 -2.74 9.22
C LEU B 109 19.21 -3.82 8.93
N ALA B 110 20.44 -3.66 9.42
CA ALA B 110 21.46 -4.68 9.20
C ALA B 110 21.07 -5.99 9.87
N TYR B 111 20.57 -5.92 11.11
CA TYR B 111 20.12 -7.14 11.79
C TYR B 111 18.92 -7.76 11.09
N LYS B 112 18.01 -6.94 10.56
CA LYS B 112 16.89 -7.47 9.80
C LYS B 112 17.35 -8.18 8.54
N ILE B 113 18.34 -7.62 7.85
CA ILE B 113 18.82 -8.22 6.61
C ILE B 113 19.55 -9.53 6.91
N LYS B 114 20.39 -9.54 7.95
CA LYS B 114 21.17 -10.73 8.23
C LYS B 114 20.30 -11.87 8.75
N TYR B 115 19.28 -11.56 9.55
CA TYR B 115 18.39 -12.56 10.14
C TYR B 115 16.95 -12.16 9.86
N PRO B 116 16.48 -12.35 8.63
CA PRO B 116 15.09 -11.95 8.31
C PRO B 116 14.04 -12.72 9.07
N GLU B 117 14.31 -13.98 9.44
CA GLU B 117 13.31 -14.83 10.07
C GLU B 117 13.41 -14.82 11.60
N ASN B 118 14.38 -14.12 12.16
CA ASN B 118 14.51 -14.02 13.61
C ASN B 118 14.51 -12.57 14.12
N PHE B 119 14.50 -11.59 13.23
CA PHE B 119 14.49 -10.18 13.59
C PHE B 119 13.31 -9.52 12.90
N PHE B 120 12.52 -8.76 13.67
CA PHE B 120 11.31 -8.16 13.14
C PHE B 120 11.16 -6.74 13.64
N LEU B 121 10.74 -5.84 12.76
CA LEU B 121 10.54 -4.44 13.09
C LEU B 121 9.13 -4.02 12.66
N LEU B 122 8.37 -3.46 13.60
CA LEU B 122 7.05 -2.94 13.29
C LEU B 122 7.13 -1.44 13.04
N ARG B 123 6.16 -0.93 12.30
CA ARG B 123 6.12 0.49 11.96
C ARG B 123 5.49 1.29 13.09
N GLY B 124 6.14 2.39 13.47
CA GLY B 124 5.62 3.31 14.44
C GLY B 124 5.10 4.59 13.81
N ASN B 125 4.51 5.43 14.66
CA ASN B 125 3.96 6.69 14.17
C ASN B 125 5.04 7.65 13.69
N HIS B 126 6.27 7.47 14.15
CA HIS B 126 7.39 8.37 13.75
C HIS B 126 8.01 7.88 12.44
N GLU B 127 7.70 6.66 12.00
CA GLU B 127 8.22 6.14 10.74
C GLU B 127 7.39 6.69 9.58
N CYS B 128 7.30 8.01 9.53
CA CYS B 128 6.55 8.72 8.49
C CYS B 128 7.37 9.91 8.02
N ALA B 129 7.20 10.26 6.74
CA ALA B 129 7.94 11.40 6.19
C ALA B 129 7.57 12.69 6.89
N SER B 130 6.28 12.89 7.17
CA SER B 130 5.83 14.12 7.83
C SER B 130 6.43 14.26 9.23
N ILE B 131 6.45 13.16 9.99
CA ILE B 131 6.98 13.22 11.34
C ILE B 131 8.49 13.39 11.33
N ASN B 132 9.18 12.70 10.43
CA ASN B 132 10.63 12.83 10.32
C ASN B 132 11.04 14.22 9.90
N ARG B 133 10.26 14.85 9.01
CA ARG B 133 10.56 16.19 8.54
C ARG B 133 10.54 17.22 9.66
N ILE B 134 9.86 16.92 10.77
CA ILE B 134 9.66 17.87 11.84
C ILE B 134 10.51 17.54 13.07
N TYR B 135 10.61 16.26 13.43
CA TYR B 135 11.11 15.88 14.74
C TYR B 135 12.61 15.54 14.75
N GLY B 136 13.34 15.81 13.67
CA GLY B 136 14.79 15.81 13.70
C GLY B 136 15.46 14.83 12.76
N PHE B 137 14.79 13.75 12.35
CA PHE B 137 15.45 12.77 11.49
C PHE B 137 15.86 13.39 10.17
N TYR B 138 14.99 14.22 9.59
CA TYR B 138 15.35 14.94 8.38
C TYR B 138 16.53 15.86 8.61
N ASP B 139 16.55 16.56 9.74
CA ASP B 139 17.67 17.45 10.05
C ASP B 139 18.98 16.68 10.18
N GLU B 140 18.96 15.54 10.88
CA GLU B 140 20.17 14.75 11.03
C GLU B 140 20.63 14.20 9.68
N CYS B 141 19.71 13.71 8.86
CA CYS B 141 20.08 13.21 7.54
C CYS B 141 20.68 14.30 6.68
N LYS B 142 20.10 15.50 6.70
CA LYS B 142 20.63 16.61 5.92
C LYS B 142 22.01 17.04 6.44
N ARG B 143 22.19 17.04 7.76
CA ARG B 143 23.47 17.43 8.33
C ARG B 143 24.57 16.44 7.99
N ARG B 144 24.27 15.14 8.04
CA ARG B 144 25.29 14.12 7.83
C ARG B 144 25.33 13.58 6.40
N TYR B 145 24.25 13.71 5.65
CA TYR B 145 24.20 13.18 4.29
C TYR B 145 23.31 14.10 3.46
N ASN B 146 22.86 13.61 2.30
CA ASN B 146 21.98 14.36 1.42
C ASN B 146 20.53 13.98 1.66
N ILE B 147 19.62 14.73 1.03
CA ILE B 147 18.19 14.46 1.15
C ILE B 147 17.81 13.18 0.44
N LYS B 148 18.63 12.72 -0.52
CA LYS B 148 18.36 11.47 -1.20
C LYS B 148 18.33 10.30 -0.21
N LEU B 149 19.23 10.31 0.77
CA LEU B 149 19.23 9.27 1.79
C LEU B 149 17.96 9.33 2.62
N TRP B 150 17.48 10.53 2.93
CA TRP B 150 16.23 10.66 3.68
C TRP B 150 15.06 10.12 2.88
N LYS B 151 15.02 10.39 1.56
CA LYS B 151 13.95 9.85 0.73
C LYS B 151 14.04 8.34 0.63
N THR B 152 15.25 7.78 0.56
CA THR B 152 15.41 6.34 0.57
C THR B 152 14.92 5.74 1.89
N PHE B 153 15.21 6.40 3.01
CA PHE B 153 14.70 5.95 4.29
C PHE B 153 13.18 6.00 4.34
N THR B 154 12.58 7.05 3.76
CA THR B 154 11.12 7.12 3.70
C THR B 154 10.54 5.97 2.88
N ASP B 155 11.17 5.66 1.74
CA ASP B 155 10.72 4.54 0.92
C ASP B 155 10.82 3.24 1.68
N CYS B 156 11.91 3.05 2.43
CA CYS B 156 12.06 1.84 3.24
C CYS B 156 11.01 1.77 4.34
N PHE B 157 10.72 2.91 4.98
CA PHE B 157 9.75 2.92 6.07
C PHE B 157 8.34 2.65 5.57
N ASN B 158 8.03 3.08 4.33
CA ASN B 158 6.67 2.89 3.82
C ASN B 158 6.30 1.42 3.67
N CYS B 159 7.26 0.51 3.68
CA CYS B 159 7.00 -0.91 3.51
C CYS B 159 7.05 -1.69 4.82
N LEU B 160 7.21 -1.01 5.95
CA LEU B 160 7.32 -1.70 7.23
C LEU B 160 5.99 -2.36 7.59
N PRO B 161 6.02 -3.53 8.23
CA PRO B 161 4.78 -4.14 8.72
C PRO B 161 4.20 -3.35 9.88
N ILE B 162 2.90 -3.52 10.09
CA ILE B 162 2.13 -2.69 11.01
C ILE B 162 1.88 -3.41 12.34
N ALA B 163 1.44 -4.67 12.29
CA ALA B 163 1.06 -5.38 13.50
C ALA B 163 1.59 -6.80 13.44
N ALA B 164 1.74 -7.40 14.62
CA ALA B 164 2.23 -8.77 14.74
C ALA B 164 1.40 -9.51 15.79
N ILE B 165 1.28 -10.81 15.61
CA ILE B 165 0.57 -11.68 16.54
C ILE B 165 1.51 -12.78 16.98
N VAL B 166 1.64 -12.99 18.29
CA VAL B 166 2.56 -13.95 18.86
C VAL B 166 1.76 -15.11 19.44
N ASP B 167 1.91 -16.28 18.83
CA ASP B 167 1.27 -17.52 19.30
C ASP B 167 -0.24 -17.39 19.40
N GLU B 168 -0.83 -16.56 18.55
CA GLU B 168 -2.28 -16.39 18.44
C GLU B 168 -2.93 -15.95 19.75
N LYS B 169 -2.14 -15.40 20.68
CA LYS B 169 -2.68 -14.99 21.96
C LYS B 169 -2.27 -13.56 22.32
N ILE B 170 -1.16 -13.10 21.75
CA ILE B 170 -0.65 -11.76 22.01
C ILE B 170 -0.71 -10.95 20.73
N PHE B 171 -1.35 -9.79 20.80
CA PHE B 171 -1.46 -8.87 19.66
C PHE B 171 -0.52 -7.70 19.90
N CYS B 172 0.42 -7.49 18.97
CA CYS B 172 1.44 -6.48 19.11
C CYS B 172 1.24 -5.39 18.07
N CYS B 173 1.20 -4.13 18.52
CA CYS B 173 1.08 -2.99 17.64
C CYS B 173 1.67 -1.78 18.36
N HIS B 174 1.96 -0.73 17.59
CA HIS B 174 2.57 0.46 18.17
C HIS B 174 1.56 1.25 18.99
N GLY B 175 0.51 1.76 18.33
CA GLY B 175 -0.46 2.59 19.01
C GLY B 175 -1.46 1.84 19.86
N GLY B 176 -2.30 1.03 19.23
CA GLY B 176 -3.33 0.32 19.96
C GLY B 176 -4.49 -0.06 19.05
N LEU B 177 -5.65 -0.23 19.67
CA LEU B 177 -6.84 -0.70 18.97
C LEU B 177 -7.46 0.42 18.13
N SER B 178 -8.32 0.02 17.20
CA SER B 178 -9.03 0.92 16.32
C SER B 178 -10.52 0.61 16.33
N PRO B 179 -11.37 1.63 16.26
CA PRO B 179 -12.81 1.35 16.15
C PRO B 179 -13.17 0.62 14.87
N ASP B 180 -12.42 0.85 13.78
CA ASP B 180 -12.68 0.17 12.52
C ASP B 180 -12.10 -1.23 12.47
N LEU B 181 -11.31 -1.64 13.46
CA LEU B 181 -10.68 -2.96 13.48
C LEU B 181 -11.68 -3.97 13.98
N GLN B 182 -12.21 -4.79 13.07
CA GLN B 182 -13.13 -5.87 13.42
C GLN B 182 -12.61 -7.25 13.06
N SER B 183 -11.55 -7.33 12.25
CA SER B 183 -10.95 -8.61 11.90
C SER B 183 -9.52 -8.37 11.46
N MET B 184 -8.69 -9.41 11.58
CA MET B 184 -7.29 -9.29 11.19
C MET B 184 -7.11 -9.23 9.68
N GLU B 185 -8.10 -9.71 8.91
CA GLU B 185 -8.03 -9.61 7.46
C GLU B 185 -8.04 -8.16 7.01
N GLN B 186 -8.65 -7.26 7.80
CA GLN B 186 -8.60 -5.85 7.48
C GLN B 186 -7.16 -5.33 7.53
N ILE B 187 -6.40 -5.76 8.53
CA ILE B 187 -4.97 -5.43 8.57
C ILE B 187 -4.24 -6.09 7.41
N ARG B 188 -4.62 -7.32 7.08
CA ARG B 188 -3.97 -8.03 5.97
C ARG B 188 -4.21 -7.33 4.63
N ARG B 189 -5.31 -6.60 4.49
CA ARG B 189 -5.66 -5.96 3.23
C ARG B 189 -5.04 -4.57 3.08
N ILE B 190 -4.27 -4.11 4.05
CA ILE B 190 -3.59 -2.82 3.92
C ILE B 190 -2.46 -2.96 2.90
N MET B 191 -2.46 -2.08 1.91
CA MET B 191 -1.50 -2.15 0.81
C MET B 191 -0.21 -1.42 1.15
N ARG B 192 0.89 -1.89 0.58
CA ARG B 192 2.20 -1.30 0.75
C ARG B 192 2.87 -1.13 -0.61
N PRO B 193 3.73 -0.11 -0.77
CA PRO B 193 4.07 0.91 0.22
C PRO B 193 2.98 1.95 0.40
N THR B 194 2.89 2.55 1.59
CA THR B 194 1.86 3.52 1.88
C THR B 194 2.37 4.53 2.90
N ASP B 195 1.89 5.76 2.77
CA ASP B 195 2.12 6.76 3.79
C ASP B 195 1.04 6.64 4.87
N VAL B 196 1.34 7.19 6.04
CA VAL B 196 0.40 7.13 7.17
C VAL B 196 -0.67 8.19 6.98
N PRO B 197 -1.94 7.81 6.86
CA PRO B 197 -3.01 8.79 6.69
C PRO B 197 -3.34 9.49 8.01
N ASP B 198 -4.06 10.60 7.90
CA ASP B 198 -4.52 11.33 9.06
C ASP B 198 -5.75 10.70 9.70
N GLN B 199 -6.37 9.73 9.04
CA GLN B 199 -7.54 9.06 9.59
C GLN B 199 -7.64 7.68 8.95
N GLY B 200 -8.22 6.74 9.69
CA GLY B 200 -8.45 5.40 9.19
C GLY B 200 -7.88 4.35 10.13
N LEU B 201 -7.93 3.10 9.66
CA LEU B 201 -7.45 1.99 10.47
C LEU B 201 -5.97 2.10 10.77
N LEU B 202 -5.16 2.44 9.76
CA LEU B 202 -3.71 2.53 9.97
C LEU B 202 -3.36 3.65 10.94
N CYS B 203 -4.04 4.80 10.82
CA CYS B 203 -3.76 5.92 11.71
C CYS B 203 -4.07 5.58 13.16
N ASP B 204 -5.19 4.89 13.40
CA ASP B 204 -5.54 4.49 14.75
C ASP B 204 -4.57 3.42 15.27
N LEU B 205 -4.19 2.48 14.41
CA LEU B 205 -3.24 1.44 14.83
C LEU B 205 -1.88 2.03 15.18
N LEU B 206 -1.53 3.18 14.61
CA LEU B 206 -0.24 3.80 14.89
C LEU B 206 -0.28 4.92 15.92
N TRP B 207 -1.46 5.47 16.23
CA TRP B 207 -1.55 6.66 17.08
C TRP B 207 -2.41 6.50 18.33
N SER B 208 -3.26 5.48 18.42
CA SER B 208 -4.21 5.40 19.52
C SER B 208 -3.49 5.11 20.84
N ASP B 209 -4.14 5.52 21.94
CA ASP B 209 -3.61 5.33 23.28
C ASP B 209 -4.73 4.92 24.22
N PRO B 210 -4.45 4.03 25.17
CA PRO B 210 -5.46 3.68 26.17
C PRO B 210 -5.67 4.81 27.17
N ASP B 211 -6.85 4.81 27.79
CA ASP B 211 -7.17 5.81 28.80
C ASP B 211 -8.15 5.19 29.79
N LYS B 212 -7.83 5.29 31.08
CA LYS B 212 -8.69 4.73 32.11
C LYS B 212 -9.95 5.55 32.34
N ASP B 213 -9.93 6.84 32.01
CA ASP B 213 -11.08 7.71 32.22
C ASP B 213 -12.10 7.64 31.11
N VAL B 214 -11.86 6.85 30.07
CA VAL B 214 -12.77 6.72 28.94
C VAL B 214 -13.50 5.39 29.05
N GLN B 215 -14.83 5.43 28.96
CA GLN B 215 -15.62 4.21 29.02
C GLN B 215 -15.44 3.38 27.74
N GLY B 216 -15.77 3.98 26.60
CA GLY B 216 -15.59 3.32 25.31
C GLY B 216 -14.50 3.97 24.50
N TRP B 217 -14.89 4.79 23.52
CA TRP B 217 -13.96 5.54 22.69
C TRP B 217 -14.07 7.03 23.00
N GLY B 218 -12.92 7.71 22.96
CA GLY B 218 -12.89 9.13 23.26
C GLY B 218 -11.82 9.83 22.45
N GLU B 219 -11.85 11.15 22.51
CA GLU B 219 -10.87 11.96 21.80
C GLU B 219 -9.49 11.78 22.41
N ASN B 220 -8.47 11.98 21.58
CA ASN B 220 -7.09 11.82 21.98
C ASN B 220 -6.43 13.19 22.08
N ASP B 221 -5.66 13.40 23.16
CA ASP B 221 -5.02 14.69 23.38
C ASP B 221 -3.96 14.99 22.32
N ARG B 222 -3.49 13.98 21.60
CA ARG B 222 -2.51 14.20 20.54
C ARG B 222 -3.10 14.92 19.33
N GLY B 223 -4.42 15.09 19.29
CA GLY B 223 -5.06 15.71 18.14
C GLY B 223 -5.37 14.79 16.99
N VAL B 224 -5.14 13.48 17.15
CA VAL B 224 -5.39 12.51 16.09
C VAL B 224 -5.75 11.19 16.75
N SER B 225 -6.46 10.34 15.99
CA SER B 225 -6.91 9.03 16.45
C SER B 225 -7.82 9.16 17.67
N PHE B 226 -7.96 8.07 18.43
CA PHE B 226 -8.90 8.01 19.53
C PHE B 226 -8.26 7.30 20.72
N THR B 227 -8.85 7.53 21.89
CA THR B 227 -8.50 6.80 23.11
C THR B 227 -9.55 5.75 23.41
N PHE B 228 -9.12 4.64 24.01
CA PHE B 228 -10.00 3.52 24.30
C PHE B 228 -9.83 3.08 25.75
N GLY B 229 -10.92 2.56 26.33
CA GLY B 229 -10.93 2.16 27.71
C GLY B 229 -10.70 0.67 27.89
N ALA B 230 -10.84 0.23 29.14
CA ALA B 230 -10.63 -1.18 29.47
C ALA B 230 -11.70 -2.07 28.87
N GLU B 231 -12.95 -1.59 28.79
CA GLU B 231 -14.03 -2.41 28.23
C GLU B 231 -13.78 -2.71 26.76
N VAL B 232 -13.26 -1.73 26.02
CA VAL B 232 -12.94 -1.96 24.61
C VAL B 232 -11.88 -3.05 24.48
N VAL B 233 -10.85 -2.99 25.32
CA VAL B 233 -9.79 -4.01 25.27
C VAL B 233 -10.36 -5.38 25.59
N ALA B 234 -11.19 -5.46 26.63
CA ALA B 234 -11.77 -6.76 27.00
C ALA B 234 -12.64 -7.32 25.88
N LYS B 235 -13.47 -6.47 25.26
CA LYS B 235 -14.32 -6.93 24.17
C LYS B 235 -13.49 -7.39 22.98
N PHE B 236 -12.43 -6.65 22.65
CA PHE B 236 -11.57 -7.03 21.54
C PHE B 236 -10.90 -8.37 21.80
N LEU B 237 -10.38 -8.56 23.02
CA LEU B 237 -9.74 -9.83 23.36
C LEU B 237 -10.73 -10.98 23.32
N HIS B 238 -11.95 -10.77 23.83
CA HIS B 238 -12.96 -11.82 23.80
C HIS B 238 -13.36 -12.17 22.37
N LYS B 239 -13.54 -11.16 21.52
CA LYS B 239 -13.98 -11.41 20.15
C LYS B 239 -12.89 -12.13 19.35
N HIS B 240 -11.64 -11.68 19.48
CA HIS B 240 -10.55 -12.25 18.70
C HIS B 240 -9.85 -13.41 19.38
N ASP B 241 -10.34 -13.83 20.56
CA ASP B 241 -9.78 -14.96 21.29
C ASP B 241 -8.30 -14.76 21.60
N LEU B 242 -7.94 -13.54 21.95
CA LEU B 242 -6.59 -13.20 22.35
C LEU B 242 -6.51 -13.11 23.87
N ASP B 243 -5.28 -13.00 24.37
CA ASP B 243 -5.04 -12.94 25.81
C ASP B 243 -4.40 -11.62 26.26
N LEU B 244 -3.53 -11.03 25.44
CA LEU B 244 -2.79 -9.84 25.84
C LEU B 244 -2.59 -8.94 24.64
N ILE B 245 -2.63 -7.63 24.87
CA ILE B 245 -2.28 -6.62 23.88
C ILE B 245 -0.98 -5.97 24.35
N CYS B 246 0.05 -6.01 23.50
CA CYS B 246 1.35 -5.44 23.80
C CYS B 246 1.55 -4.22 22.91
N ARG B 247 1.82 -3.06 23.52
CA ARG B 247 1.85 -1.81 22.79
C ARG B 247 3.04 -0.96 23.22
N ALA B 248 3.20 0.19 22.58
CA ALA B 248 4.26 1.14 22.98
C ALA B 248 3.69 2.56 22.86
N HIS B 249 4.37 3.46 22.15
CA HIS B 249 3.81 4.81 21.87
C HIS B 249 3.82 5.70 23.11
N GLN B 250 3.53 5.16 24.28
CA GLN B 250 3.42 6.04 25.48
C GLN B 250 4.56 5.80 26.47
N VAL B 251 5.06 6.85 27.08
CA VAL B 251 6.14 6.81 28.06
C VAL B 251 5.60 6.34 29.40
N VAL B 252 6.31 5.43 30.04
CA VAL B 252 5.93 4.87 31.33
C VAL B 252 7.13 4.91 32.26
N GLU B 253 6.88 5.22 33.54
CA GLU B 253 7.96 5.44 34.48
C GLU B 253 8.78 4.18 34.71
N ASP B 254 8.12 3.04 34.89
CA ASP B 254 8.81 1.80 35.21
C ASP B 254 9.26 1.03 33.98
N GLY B 255 9.02 1.57 32.78
CA GLY B 255 9.32 0.88 31.55
C GLY B 255 8.21 -0.03 31.05
N TYR B 256 7.28 -0.42 31.92
CA TYR B 256 6.12 -1.18 31.54
C TYR B 256 4.97 -0.82 32.47
N GLU B 257 3.74 -0.95 31.97
CA GLU B 257 2.57 -0.62 32.76
C GLU B 257 1.39 -1.44 32.24
N PHE B 258 0.69 -2.10 33.15
CA PHE B 258 -0.46 -2.91 32.78
C PHE B 258 -1.72 -2.07 32.74
N PHE B 259 -2.67 -2.49 31.89
CA PHE B 259 -3.93 -1.80 31.71
C PHE B 259 -5.03 -2.83 31.54
N ALA B 260 -6.25 -2.45 31.92
CA ALA B 260 -7.42 -3.33 31.84
C ALA B 260 -7.18 -4.63 32.60
N LYS B 261 -6.63 -4.52 33.80
CA LYS B 261 -6.30 -5.67 34.65
C LYS B 261 -5.34 -6.62 33.94
N ARG B 262 -4.18 -6.09 33.58
CA ARG B 262 -3.07 -6.81 32.95
C ARG B 262 -3.44 -7.38 31.58
N GLN B 263 -4.56 -6.96 31.00
CA GLN B 263 -4.91 -7.39 29.65
C GLN B 263 -4.19 -6.60 28.57
N LEU B 264 -3.62 -5.45 28.92
CA LEU B 264 -2.84 -4.64 28.00
C LEU B 264 -1.58 -4.17 28.71
N VAL B 265 -0.46 -4.17 27.98
CA VAL B 265 0.82 -3.76 28.52
C VAL B 265 1.48 -2.78 27.56
N THR B 266 1.97 -1.67 28.09
CA THR B 266 2.71 -0.68 27.33
C THR B 266 4.19 -0.83 27.63
N LEU B 267 4.99 -0.94 26.58
CA LEU B 267 6.43 -1.15 26.71
C LEU B 267 7.19 0.06 26.21
N PHE B 268 8.10 0.57 27.05
CA PHE B 268 9.00 1.64 26.66
C PHE B 268 10.43 1.18 26.96
N SER B 269 11.30 1.26 25.96
CA SER B 269 12.62 0.67 26.05
C SER B 269 13.76 1.68 26.21
N ALA B 270 13.48 2.97 26.03
CA ALA B 270 14.53 3.98 26.12
C ALA B 270 14.54 4.62 27.49
N PRO B 271 15.52 4.34 28.35
CA PRO B 271 15.59 5.06 29.63
C PRO B 271 16.05 6.49 29.42
N ASN B 272 15.65 7.35 30.37
CA ASN B 272 15.96 8.77 30.33
C ASN B 272 15.52 9.39 29.00
N TYR B 273 14.21 9.25 28.74
CA TYR B 273 13.65 9.66 27.46
C TYR B 273 13.84 11.15 27.23
N CYS B 274 14.45 11.50 26.09
CA CYS B 274 14.70 12.87 25.66
C CYS B 274 15.57 13.66 26.62
N GLY B 275 16.16 13.02 27.63
CA GLY B 275 16.94 13.72 28.61
C GLY B 275 16.14 14.53 29.60
N GLU B 276 14.81 14.39 29.59
CA GLU B 276 13.94 15.13 30.49
C GLU B 276 13.16 14.25 31.45
N PHE B 277 13.08 12.95 31.21
CA PHE B 277 12.36 12.02 32.06
C PHE B 277 13.32 11.13 32.81
N ASP B 278 12.86 10.62 33.95
CA ASP B 278 13.63 9.68 34.76
C ASP B 278 13.08 8.26 34.63
N ASN B 279 12.45 7.97 33.50
CA ASN B 279 11.82 6.67 33.29
C ASN B 279 12.86 5.61 32.94
N ALA B 280 12.55 4.37 33.28
CA ALA B 280 13.39 3.23 32.94
C ALA B 280 12.94 2.61 31.63
N GLY B 281 13.83 1.83 31.02
CA GLY B 281 13.54 1.10 29.80
C GLY B 281 13.37 -0.38 30.11
N ALA B 282 12.28 -0.95 29.60
CA ALA B 282 11.93 -2.33 29.85
C ALA B 282 11.77 -3.11 28.56
N MET B 283 12.11 -4.38 28.61
CA MET B 283 11.94 -5.31 27.50
C MET B 283 11.25 -6.57 28.01
N MET B 284 10.21 -7.00 27.31
CA MET B 284 9.43 -8.16 27.73
C MET B 284 9.94 -9.41 27.01
N SER B 285 10.21 -10.45 27.79
CA SER B 285 10.69 -11.73 27.26
C SER B 285 9.57 -12.75 27.36
N VAL B 286 9.27 -13.41 26.24
CA VAL B 286 8.22 -14.42 26.17
C VAL B 286 8.86 -15.77 25.87
N ASP B 287 8.52 -16.77 26.67
CA ASP B 287 9.03 -18.12 26.48
C ASP B 287 7.97 -18.99 25.82
N GLU B 288 8.29 -20.28 25.65
CA GLU B 288 7.38 -21.19 24.99
C GLU B 288 6.07 -21.36 25.76
N THR B 289 6.11 -21.21 27.08
CA THR B 289 4.93 -21.31 27.92
C THR B 289 4.17 -19.99 28.04
N LEU B 290 4.59 -18.97 27.30
CA LEU B 290 3.97 -17.64 27.33
C LEU B 290 4.05 -17.00 28.71
N MET B 291 5.09 -17.33 29.47
CA MET B 291 5.34 -16.72 30.77
C MET B 291 6.15 -15.45 30.53
N CYS B 292 5.45 -14.33 30.38
CA CYS B 292 6.11 -13.06 30.09
C CYS B 292 6.91 -12.58 31.29
N SER B 293 8.10 -12.03 31.02
CA SER B 293 8.94 -11.45 32.04
C SER B 293 9.58 -10.19 31.48
N PHE B 294 9.82 -9.22 32.37
CA PHE B 294 10.30 -7.90 31.97
C PHE B 294 11.72 -7.67 32.48
N GLN B 295 12.61 -7.29 31.58
CA GLN B 295 13.96 -6.88 31.94
C GLN B 295 14.05 -5.36 31.87
N ILE B 296 14.46 -4.74 32.97
CA ILE B 296 14.37 -3.30 33.15
C ILE B 296 15.77 -2.71 33.11
N LEU B 297 15.97 -1.71 32.25
CA LEU B 297 17.20 -0.94 32.21
C LEU B 297 17.06 0.23 33.17
N LYS B 298 17.82 0.21 34.26
CA LYS B 298 17.71 1.25 35.27
C LYS B 298 18.21 2.58 34.70
N PRO B 299 17.53 3.68 35.01
CA PRO B 299 17.98 4.99 34.53
C PRO B 299 19.26 5.43 35.24
N ALA B 300 19.99 6.32 34.59
CA ALA B 300 21.25 6.83 35.13
C ALA B 300 21.02 7.62 36.42
N VAL C 65 -1.04 -17.31 28.70
CA VAL C 65 -0.25 -16.12 28.95
C VAL C 65 -0.26 -15.78 30.44
N ALA C 66 0.93 -15.60 31.00
CA ALA C 66 1.08 -15.24 32.40
C ALA C 66 2.29 -14.33 32.57
N PHE C 67 2.32 -13.61 33.68
CA PHE C 67 3.38 -12.65 33.96
C PHE C 67 4.09 -13.03 35.25
N SER C 68 5.42 -13.14 35.19
CA SER C 68 6.24 -13.40 36.37
C SER C 68 6.78 -12.06 36.84
N VAL C 69 6.01 -11.39 37.70
CA VAL C 69 6.37 -10.08 38.22
C VAL C 69 6.12 -10.05 39.72
N ASP C 70 6.80 -9.13 40.39
CA ASP C 70 6.68 -8.93 41.83
C ASP C 70 6.99 -10.21 42.60
N ASN C 71 7.97 -10.97 42.11
CA ASN C 71 8.41 -12.23 42.72
C ASN C 71 7.28 -13.25 42.81
N THR C 72 6.27 -13.13 41.96
CA THR C 72 5.15 -14.07 41.93
C THR C 72 4.66 -14.18 40.49
N ILE C 73 3.51 -14.82 40.31
CA ILE C 73 2.93 -15.05 39.00
C ILE C 73 1.60 -14.31 38.91
N LYS C 74 1.45 -13.51 37.86
CA LYS C 74 0.21 -12.77 37.60
C LYS C 74 -0.32 -13.15 36.22
N ARG C 75 -1.63 -13.09 36.07
CA ARG C 75 -2.28 -13.48 34.83
C ARG C 75 -3.27 -12.41 34.40
N PRO C 76 -3.51 -12.26 33.09
CA PRO C 76 -4.48 -11.28 32.59
C PRO C 76 -5.93 -11.74 32.76
N ASN C 77 -6.39 -11.70 34.01
CA ASN C 77 -7.76 -12.11 34.29
C ASN C 77 -8.74 -11.08 33.74
N PRO C 78 -9.75 -11.49 32.95
CA PRO C 78 -10.76 -10.59 32.39
C PRO C 78 -11.57 -9.88 33.47
N ASN C 88 -25.87 -20.03 20.39
CA ASN C 88 -26.00 -20.60 19.05
C ASN C 88 -27.46 -20.89 18.71
N ALA C 89 -28.37 -20.20 19.40
CA ALA C 89 -29.79 -20.37 19.13
C ALA C 89 -30.15 -19.91 17.72
N GLU C 90 -29.53 -18.81 17.27
CA GLU C 90 -29.80 -18.30 15.92
C GLU C 90 -29.39 -19.31 14.86
N VAL C 91 -28.26 -19.99 15.05
CA VAL C 91 -27.81 -21.00 14.10
C VAL C 91 -28.79 -22.15 14.04
N ILE C 92 -29.28 -22.59 15.21
CA ILE C 92 -30.25 -23.69 15.24
C ILE C 92 -31.54 -23.29 14.55
N LYS C 93 -32.01 -22.05 14.79
CA LYS C 93 -33.22 -21.58 14.13
C LYS C 93 -33.03 -21.50 12.62
N GLU C 94 -31.87 -21.04 12.17
CA GLU C 94 -31.61 -20.97 10.74
C GLU C 94 -31.57 -22.37 10.12
N LEU C 95 -30.95 -23.32 10.81
CA LEU C 95 -30.93 -24.70 10.30
C LEU C 95 -32.35 -25.28 10.22
N ASN C 96 -33.16 -25.04 11.24
CA ASN C 96 -34.54 -25.52 11.22
C ASN C 96 -35.33 -24.88 10.08
N LYS C 97 -35.14 -23.58 9.87
CA LYS C 97 -35.83 -22.89 8.77
C LYS C 97 -35.39 -23.46 7.42
N CYS C 98 -34.09 -23.71 7.25
CA CYS C 98 -33.61 -24.30 6.01
C CYS C 98 -34.18 -25.68 5.79
N ARG C 99 -34.26 -26.50 6.85
CA ARG C 99 -34.85 -27.83 6.71
C ARG C 99 -36.33 -27.75 6.36
N GLU C 100 -37.07 -26.86 7.00
CA GLU C 100 -38.50 -26.73 6.72
C GLU C 100 -38.75 -26.25 5.30
N GLU C 101 -37.98 -25.26 4.84
CA GLU C 101 -38.15 -24.73 3.50
C GLU C 101 -37.52 -25.61 2.42
N ASN C 102 -36.73 -26.62 2.81
CA ASN C 102 -36.05 -27.50 1.86
C ASN C 102 -35.19 -26.69 0.90
N SER C 103 -34.54 -25.65 1.41
CA SER C 103 -33.71 -24.81 0.58
C SER C 103 -32.42 -25.53 0.18
N MET C 104 -31.97 -25.28 -1.04
CA MET C 104 -30.72 -25.85 -1.55
C MET C 104 -29.52 -24.98 -1.25
N ARG C 105 -29.70 -23.85 -0.58
CA ARG C 105 -28.62 -22.94 -0.24
C ARG C 105 -28.71 -22.58 1.23
N LEU C 106 -27.58 -22.62 1.93
CA LEU C 106 -27.51 -22.25 3.34
C LEU C 106 -26.42 -21.20 3.51
N ASP C 107 -26.75 -20.11 4.21
CA ASP C 107 -25.83 -19.00 4.43
C ASP C 107 -25.72 -18.75 5.92
N LEU C 108 -24.64 -19.23 6.52
CA LEU C 108 -24.35 -19.00 7.94
C LEU C 108 -23.14 -18.08 8.12
N SER C 109 -22.81 -17.28 7.12
CA SER C 109 -21.64 -16.42 7.19
C SER C 109 -21.88 -15.25 8.13
N LYS C 110 -20.80 -14.81 8.77
CA LYS C 110 -20.81 -13.66 9.68
C LYS C 110 -21.81 -13.86 10.81
N ARG C 111 -21.57 -14.91 11.60
CA ARG C 111 -22.43 -15.21 12.75
C ARG C 111 -21.63 -15.60 13.99
N SER C 112 -20.31 -15.46 13.97
CA SER C 112 -19.45 -15.77 15.12
C SER C 112 -19.64 -17.22 15.57
N ILE C 113 -19.78 -18.13 14.62
CA ILE C 113 -19.98 -19.54 14.92
C ILE C 113 -18.64 -20.18 15.25
N HIS C 114 -18.54 -20.77 16.44
CA HIS C 114 -17.34 -21.49 16.84
C HIS C 114 -17.42 -22.98 16.60
N ILE C 115 -18.57 -23.60 16.89
CA ILE C 115 -18.79 -25.03 16.68
C ILE C 115 -20.03 -25.18 15.81
N LEU C 116 -19.87 -25.84 14.67
CA LEU C 116 -21.00 -26.07 13.79
C LEU C 116 -21.88 -27.17 14.35
N PRO C 117 -23.18 -26.94 14.53
CA PRO C 117 -24.06 -27.97 15.09
C PRO C 117 -24.07 -29.23 14.23
N SER C 118 -24.12 -30.38 14.91
CA SER C 118 -24.15 -31.66 14.20
C SER C 118 -25.47 -31.89 13.47
N SER C 119 -26.50 -31.10 13.77
CA SER C 119 -27.80 -31.26 13.11
C SER C 119 -27.76 -30.90 11.63
N ILE C 120 -26.67 -30.28 11.15
CA ILE C 120 -26.58 -29.90 9.75
C ILE C 120 -26.58 -31.12 8.83
N LYS C 121 -26.30 -32.30 9.37
CA LYS C 121 -26.28 -33.51 8.56
C LYS C 121 -27.64 -33.82 7.92
N GLU C 122 -28.73 -33.32 8.51
CA GLU C 122 -30.05 -33.54 7.96
C GLU C 122 -30.28 -32.81 6.64
N LEU C 123 -29.50 -31.76 6.38
CA LEU C 123 -29.67 -30.93 5.17
C LEU C 123 -28.96 -31.56 3.97
N THR C 124 -29.38 -32.78 3.64
CA THR C 124 -28.75 -33.51 2.54
C THR C 124 -29.01 -32.87 1.18
N GLN C 125 -30.03 -32.02 1.07
CA GLN C 125 -30.35 -31.39 -0.21
C GLN C 125 -29.49 -30.17 -0.52
N LEU C 126 -28.65 -29.74 0.42
CA LEU C 126 -27.84 -28.54 0.20
C LEU C 126 -26.84 -28.75 -0.93
N THR C 127 -26.72 -27.75 -1.80
CA THR C 127 -25.70 -27.72 -2.82
C THR C 127 -24.68 -26.60 -2.62
N GLU C 128 -25.02 -25.57 -1.85
CA GLU C 128 -24.13 -24.47 -1.54
C GLU C 128 -24.14 -24.23 -0.04
N LEU C 129 -22.96 -24.20 0.57
CA LEU C 129 -22.82 -23.95 2.00
C LEU C 129 -21.81 -22.83 2.19
N TYR C 130 -22.23 -21.77 2.87
CA TYR C 130 -21.39 -20.59 3.09
C TYR C 130 -21.17 -20.43 4.58
N LEU C 131 -19.94 -20.69 5.04
CA LEU C 131 -19.58 -20.59 6.45
C LEU C 131 -18.44 -19.59 6.66
N TYR C 132 -18.20 -18.70 5.70
CA TYR C 132 -17.06 -17.82 5.78
C TYR C 132 -17.28 -16.74 6.83
N SER C 133 -16.15 -16.13 7.25
CA SER C 133 -16.14 -15.06 8.25
C SER C 133 -16.75 -15.52 9.58
N ASN C 134 -16.28 -16.68 10.05
CA ASN C 134 -16.69 -17.20 11.34
C ASN C 134 -15.46 -17.57 12.18
N LYS C 135 -15.68 -18.23 13.32
CA LYS C 135 -14.61 -18.62 14.22
C LYS C 135 -14.50 -20.13 14.32
N LEU C 136 -14.76 -20.84 13.23
CA LEU C 136 -14.75 -22.30 13.24
C LEU C 136 -13.32 -22.81 13.40
N GLN C 137 -13.10 -23.60 14.46
CA GLN C 137 -11.79 -24.25 14.63
C GLN C 137 -11.64 -25.45 13.71
N SER C 138 -12.73 -26.21 13.52
CA SER C 138 -12.71 -27.37 12.64
C SER C 138 -14.13 -27.72 12.26
N LEU C 139 -14.27 -28.38 11.11
CA LEU C 139 -15.59 -28.80 10.67
C LEU C 139 -15.96 -30.15 11.26
N PRO C 140 -17.22 -30.35 11.66
CA PRO C 140 -17.64 -31.66 12.14
C PRO C 140 -17.68 -32.68 11.02
N ALA C 141 -17.56 -33.95 11.40
CA ALA C 141 -17.62 -35.04 10.42
C ALA C 141 -18.99 -35.16 9.77
N GLU C 142 -20.02 -34.56 10.36
CA GLU C 142 -21.36 -34.63 9.78
C GLU C 142 -21.47 -33.89 8.45
N VAL C 143 -20.53 -32.99 8.16
CA VAL C 143 -20.53 -32.28 6.89
C VAL C 143 -20.39 -33.25 5.73
N GLY C 144 -19.73 -34.38 5.94
CA GLY C 144 -19.55 -35.37 4.89
C GLY C 144 -20.85 -35.99 4.41
N CYS C 145 -21.93 -35.87 5.19
CA CYS C 145 -23.22 -36.38 4.76
C CYS C 145 -23.86 -35.52 3.68
N LEU C 146 -23.36 -34.29 3.49
CA LEU C 146 -23.90 -33.38 2.47
C LEU C 146 -23.25 -33.71 1.12
N VAL C 147 -23.63 -34.87 0.58
CA VAL C 147 -23.03 -35.37 -0.65
C VAL C 147 -23.35 -34.48 -1.85
N ASN C 148 -24.43 -33.69 -1.78
CA ASN C 148 -24.87 -32.88 -2.90
C ASN C 148 -24.20 -31.51 -2.93
N LEU C 149 -23.31 -31.20 -2.00
CA LEU C 149 -22.66 -29.90 -1.98
C LEU C 149 -21.82 -29.69 -3.23
N MET C 150 -21.95 -28.51 -3.83
CA MET C 150 -21.13 -28.10 -4.96
C MET C 150 -20.20 -26.94 -4.64
N THR C 151 -20.58 -26.08 -3.69
CA THR C 151 -19.78 -24.95 -3.28
C THR C 151 -19.66 -24.96 -1.77
N LEU C 152 -18.42 -24.83 -1.27
CA LEU C 152 -18.15 -24.81 0.16
C LEU C 152 -17.22 -23.64 0.45
N ALA C 153 -17.75 -22.60 1.07
CA ALA C 153 -16.99 -21.40 1.40
C ALA C 153 -16.60 -21.46 2.87
N LEU C 154 -15.29 -21.42 3.13
CA LEU C 154 -14.76 -21.50 4.49
C LEU C 154 -13.71 -20.42 4.75
N SER C 155 -13.70 -19.36 3.95
CA SER C 155 -12.68 -18.33 4.09
C SER C 155 -12.84 -17.56 5.40
N GLU C 156 -11.73 -17.04 5.89
CA GLU C 156 -11.68 -16.24 7.12
C GLU C 156 -12.22 -17.03 8.32
N ASN C 157 -11.55 -18.14 8.61
CA ASN C 157 -11.86 -18.96 9.77
C ASN C 157 -10.55 -19.34 10.45
N SER C 158 -10.66 -20.18 11.48
CA SER C 158 -9.49 -20.66 12.21
C SER C 158 -9.23 -22.15 11.95
N LEU C 159 -9.64 -22.62 10.78
CA LEU C 159 -9.50 -24.04 10.45
C LEU C 159 -8.03 -24.43 10.37
N THR C 160 -7.68 -25.55 11.00
CA THR C 160 -6.35 -26.13 10.91
C THR C 160 -6.31 -27.42 10.12
N SER C 161 -7.45 -28.08 9.93
CA SER C 161 -7.52 -29.32 9.17
C SER C 161 -8.97 -29.54 8.76
N LEU C 162 -9.17 -30.50 7.86
CA LEU C 162 -10.51 -30.85 7.40
C LEU C 162 -10.79 -32.34 7.66
N PRO C 163 -12.03 -32.69 8.00
CA PRO C 163 -12.34 -34.09 8.27
C PRO C 163 -12.24 -34.94 7.03
N ASP C 164 -11.89 -36.21 7.24
CA ASP C 164 -11.78 -37.16 6.14
C ASP C 164 -13.14 -37.58 5.59
N SER C 165 -14.23 -37.22 6.26
CA SER C 165 -15.57 -37.57 5.79
C SER C 165 -15.96 -36.81 4.51
N LEU C 166 -15.19 -35.79 4.12
CA LEU C 166 -15.49 -35.02 2.93
C LEU C 166 -15.28 -35.81 1.64
N ASP C 167 -14.69 -37.00 1.72
CA ASP C 167 -14.53 -37.82 0.52
C ASP C 167 -15.86 -38.15 -0.12
N ASN C 168 -16.94 -38.17 0.67
CA ASN C 168 -18.27 -38.48 0.13
C ASN C 168 -18.79 -37.37 -0.79
N LEU C 169 -18.21 -36.17 -0.70
CA LEU C 169 -18.66 -35.03 -1.51
C LEU C 169 -18.10 -35.20 -2.93
N LYS C 170 -18.74 -36.09 -3.68
CA LYS C 170 -18.31 -36.35 -5.06
C LYS C 170 -18.63 -35.19 -6.00
N LYS C 171 -19.59 -34.33 -5.63
CA LYS C 171 -20.04 -33.25 -6.50
C LYS C 171 -19.42 -31.91 -6.15
N LEU C 172 -18.50 -31.86 -5.19
CA LEU C 172 -17.89 -30.59 -4.78
C LEU C 172 -17.03 -30.05 -5.91
N ARG C 173 -17.31 -28.81 -6.33
CA ARG C 173 -16.58 -28.19 -7.43
C ARG C 173 -15.71 -27.01 -7.00
N MET C 174 -16.10 -26.27 -5.97
CA MET C 174 -15.33 -25.12 -5.51
C MET C 174 -15.11 -25.22 -4.01
N LEU C 175 -13.87 -25.02 -3.58
CA LEU C 175 -13.51 -25.03 -2.17
C LEU C 175 -12.74 -23.75 -1.86
N ASP C 176 -13.24 -23.00 -0.87
CA ASP C 176 -12.63 -21.73 -0.48
C ASP C 176 -12.04 -21.88 0.92
N LEU C 177 -10.73 -21.64 1.04
CA LEU C 177 -10.03 -21.79 2.30
C LEU C 177 -9.09 -20.61 2.55
N ARG C 178 -9.40 -19.45 2.00
CA ARG C 178 -8.56 -18.28 2.19
C ARG C 178 -8.61 -17.79 3.63
N HIS C 179 -7.49 -17.23 4.09
CA HIS C 179 -7.38 -16.61 5.40
C HIS C 179 -7.72 -17.61 6.51
N ASN C 180 -7.00 -18.73 6.51
CA ASN C 180 -7.15 -19.73 7.56
C ASN C 180 -5.81 -20.03 8.21
N LYS C 181 -5.77 -21.03 9.08
CA LYS C 181 -4.56 -21.39 9.81
C LYS C 181 -4.05 -22.78 9.42
N LEU C 182 -4.27 -23.18 8.18
CA LEU C 182 -3.81 -24.47 7.69
C LEU C 182 -2.30 -24.48 7.58
N ARG C 183 -1.64 -25.37 8.31
CA ARG C 183 -0.20 -25.55 8.18
C ARG C 183 0.17 -26.35 6.94
N GLU C 184 -0.78 -27.05 6.34
CA GLU C 184 -0.55 -27.84 5.14
C GLU C 184 -1.88 -28.11 4.48
N ILE C 185 -1.83 -28.48 3.20
CA ILE C 185 -3.06 -28.83 2.49
C ILE C 185 -3.62 -30.12 3.08
N PRO C 186 -4.89 -30.15 3.48
CA PRO C 186 -5.45 -31.37 4.06
C PRO C 186 -5.40 -32.53 3.08
N SER C 187 -5.17 -33.73 3.61
CA SER C 187 -5.10 -34.92 2.76
C SER C 187 -6.41 -35.19 2.06
N VAL C 188 -7.54 -34.82 2.68
CA VAL C 188 -8.84 -35.04 2.06
C VAL C 188 -9.00 -34.16 0.82
N VAL C 189 -8.35 -33.00 0.79
CA VAL C 189 -8.45 -32.12 -0.36
C VAL C 189 -7.82 -32.76 -1.59
N TYR C 190 -6.73 -33.51 -1.39
CA TYR C 190 -6.09 -34.19 -2.52
C TYR C 190 -6.97 -35.29 -3.10
N ARG C 191 -7.97 -35.76 -2.36
CA ARG C 191 -8.89 -36.79 -2.85
C ARG C 191 -10.14 -36.22 -3.49
N LEU C 192 -10.36 -34.91 -3.40
CA LEU C 192 -11.52 -34.26 -4.00
C LEU C 192 -11.20 -33.94 -5.47
N ASP C 193 -11.13 -35.00 -6.27
CA ASP C 193 -10.75 -34.87 -7.68
C ASP C 193 -11.78 -34.10 -8.49
N SER C 194 -12.99 -33.90 -7.97
CA SER C 194 -14.01 -33.16 -8.69
C SER C 194 -13.85 -31.65 -8.58
N LEU C 195 -12.93 -31.18 -7.75
CA LEU C 195 -12.73 -29.74 -7.59
C LEU C 195 -12.23 -29.11 -8.87
N THR C 196 -12.80 -27.96 -9.21
CA THR C 196 -12.34 -27.16 -10.34
C THR C 196 -11.75 -25.83 -9.93
N THR C 197 -12.06 -25.34 -8.73
CA THR C 197 -11.51 -24.10 -8.21
C THR C 197 -11.11 -24.31 -6.76
N LEU C 198 -9.89 -23.93 -6.42
CA LEU C 198 -9.37 -24.09 -5.06
C LEU C 198 -8.68 -22.79 -4.63
N TYR C 199 -9.04 -22.30 -3.45
CA TYR C 199 -8.46 -21.10 -2.88
C TYR C 199 -7.76 -21.45 -1.58
N LEU C 200 -6.48 -21.10 -1.48
CA LEU C 200 -5.67 -21.39 -0.30
C LEU C 200 -4.83 -20.19 0.11
N ARG C 201 -5.30 -18.99 -0.20
CA ARG C 201 -4.55 -17.78 0.10
C ARG C 201 -4.44 -17.55 1.60
N PHE C 202 -3.33 -16.92 2.00
CA PHE C 202 -3.13 -16.46 3.38
C PHE C 202 -3.24 -17.61 4.38
N ASN C 203 -2.54 -18.69 4.10
CA ASN C 203 -2.42 -19.82 5.01
C ASN C 203 -0.96 -20.00 5.41
N ARG C 204 -0.70 -21.05 6.19
CA ARG C 204 0.64 -21.38 6.67
C ARG C 204 1.19 -22.61 5.95
N ILE C 205 0.71 -22.87 4.74
CA ILE C 205 1.14 -24.05 3.99
C ILE C 205 2.59 -23.88 3.56
N THR C 206 3.41 -24.90 3.81
CA THR C 206 4.83 -24.86 3.49
C THR C 206 5.23 -25.80 2.37
N THR C 207 4.37 -26.73 1.96
CA THR C 207 4.72 -27.68 0.92
C THR C 207 3.44 -28.14 0.21
N VAL C 208 3.63 -28.62 -1.02
CA VAL C 208 2.55 -29.20 -1.82
C VAL C 208 2.96 -30.64 -2.14
N GLU C 209 2.11 -31.59 -1.76
CA GLU C 209 2.44 -32.99 -1.97
C GLU C 209 2.28 -33.37 -3.43
N LYS C 210 2.83 -34.54 -3.77
CA LYS C 210 2.70 -35.08 -5.12
C LYS C 210 1.29 -35.54 -5.44
N ASP C 211 0.40 -35.60 -4.45
CA ASP C 211 -0.98 -36.00 -4.66
C ASP C 211 -1.80 -34.94 -5.38
N ILE C 212 -1.20 -33.79 -5.71
CA ILE C 212 -1.90 -32.75 -6.45
C ILE C 212 -2.32 -33.24 -7.83
N LYS C 213 -1.59 -34.22 -8.38
CA LYS C 213 -1.91 -34.78 -9.68
C LYS C 213 -3.35 -35.29 -9.76
N ASN C 214 -3.92 -35.72 -8.64
CA ASN C 214 -5.29 -36.22 -8.65
C ASN C 214 -6.29 -35.12 -9.02
N LEU C 215 -5.97 -33.88 -8.70
CA LEU C 215 -6.86 -32.76 -9.00
C LEU C 215 -6.67 -32.28 -10.42
N SER C 216 -6.83 -33.17 -11.39
CA SER C 216 -6.59 -32.82 -12.79
C SER C 216 -7.66 -31.86 -13.31
N LYS C 217 -8.84 -31.85 -12.70
CA LYS C 217 -9.94 -31.01 -13.17
C LYS C 217 -9.84 -29.56 -12.70
N LEU C 218 -8.83 -29.22 -11.90
CA LEU C 218 -8.68 -27.86 -11.41
C LEU C 218 -8.46 -26.89 -12.58
N SER C 219 -9.19 -25.77 -12.55
CA SER C 219 -9.00 -24.69 -13.50
C SER C 219 -8.49 -23.41 -12.85
N MET C 220 -8.77 -23.20 -11.57
CA MET C 220 -8.29 -22.04 -10.83
C MET C 220 -7.65 -22.52 -9.55
N LEU C 221 -6.36 -22.23 -9.39
CA LEU C 221 -5.60 -22.61 -8.20
C LEU C 221 -4.84 -21.40 -7.70
N SER C 222 -5.18 -20.92 -6.51
CA SER C 222 -4.52 -19.77 -5.89
C SER C 222 -3.98 -20.21 -4.53
N ILE C 223 -2.67 -20.25 -4.40
CA ILE C 223 -2.03 -20.67 -3.16
C ILE C 223 -1.04 -19.59 -2.71
N ARG C 224 -1.33 -18.34 -3.05
CA ARG C 224 -0.43 -17.25 -2.71
C ARG C 224 -0.44 -16.98 -1.20
N GLU C 225 0.51 -16.15 -0.77
CA GLU C 225 0.64 -15.74 0.63
C GLU C 225 0.86 -16.94 1.55
N ASN C 226 1.71 -17.87 1.13
CA ASN C 226 2.08 -19.02 1.92
C ASN C 226 3.61 -19.07 2.05
N LYS C 227 4.11 -20.15 2.64
CA LYS C 227 5.54 -20.36 2.82
C LYS C 227 6.06 -21.50 1.95
N ILE C 228 5.46 -21.69 0.78
CA ILE C 228 5.88 -22.75 -0.12
C ILE C 228 7.23 -22.40 -0.74
N LYS C 229 8.18 -23.33 -0.66
CA LYS C 229 9.51 -23.11 -1.19
C LYS C 229 9.75 -23.77 -2.54
N GLN C 230 9.01 -24.83 -2.86
CA GLN C 230 9.14 -25.47 -4.17
C GLN C 230 7.81 -26.12 -4.54
N LEU C 231 7.63 -26.33 -5.85
CA LEU C 231 6.44 -26.96 -6.37
C LEU C 231 6.77 -28.34 -6.92
N PRO C 232 5.91 -29.33 -6.71
CA PRO C 232 6.18 -30.68 -7.22
C PRO C 232 6.10 -30.71 -8.74
N ALA C 233 6.81 -31.68 -9.33
CA ALA C 233 6.80 -31.85 -10.78
C ALA C 233 5.43 -32.27 -11.30
N GLU C 234 4.52 -32.72 -10.44
CA GLU C 234 3.18 -33.10 -10.86
C GLU C 234 2.31 -31.90 -11.19
N ILE C 235 2.77 -30.68 -10.93
CA ILE C 235 1.98 -29.49 -11.26
C ILE C 235 1.74 -29.40 -12.76
N GLY C 236 2.61 -30.01 -13.57
CA GLY C 236 2.44 -30.01 -15.01
C GLY C 236 1.38 -30.94 -15.53
N GLU C 237 0.85 -31.82 -14.68
CA GLU C 237 -0.23 -32.72 -15.09
C GLU C 237 -1.60 -32.08 -15.02
N LEU C 238 -1.69 -30.85 -14.49
CA LEU C 238 -2.97 -30.14 -14.41
C LEU C 238 -3.18 -29.34 -15.69
N CYS C 239 -3.46 -30.08 -16.77
CA CYS C 239 -3.61 -29.47 -18.08
C CYS C 239 -4.83 -28.56 -18.19
N ASN C 240 -5.77 -28.69 -17.27
CA ASN C 240 -6.98 -27.88 -17.28
C ASN C 240 -6.82 -26.54 -16.57
N LEU C 241 -5.64 -26.27 -16.01
CA LEU C 241 -5.42 -25.00 -15.31
C LEU C 241 -5.49 -23.83 -16.27
N ILE C 242 -6.19 -22.78 -15.85
CA ILE C 242 -6.27 -21.54 -16.61
C ILE C 242 -5.55 -20.40 -15.87
N THR C 243 -5.69 -20.35 -14.55
CA THR C 243 -5.02 -19.35 -13.72
C THR C 243 -4.29 -20.04 -12.60
N LEU C 244 -3.01 -19.73 -12.44
CA LEU C 244 -2.18 -20.27 -11.37
C LEU C 244 -1.57 -19.10 -10.59
N ASP C 245 -1.83 -19.07 -9.28
CA ASP C 245 -1.37 -17.99 -8.42
C ASP C 245 -0.49 -18.59 -7.33
N VAL C 246 0.81 -18.33 -7.42
CA VAL C 246 1.76 -18.81 -6.41
C VAL C 246 2.60 -17.64 -5.92
N ALA C 247 2.05 -16.43 -6.03
CA ALA C 247 2.79 -15.23 -5.66
C ALA C 247 2.98 -15.16 -4.15
N HIS C 248 3.87 -14.26 -3.73
CA HIS C 248 4.14 -13.99 -2.32
C HIS C 248 4.58 -15.25 -1.56
N ASN C 249 5.23 -16.17 -2.26
CA ASN C 249 5.77 -17.38 -1.67
C ASN C 249 7.29 -17.31 -1.67
N GLN C 250 7.93 -18.41 -1.26
CA GLN C 250 9.38 -18.50 -1.18
C GLN C 250 9.95 -19.40 -2.27
N LEU C 251 9.27 -19.49 -3.41
CA LEU C 251 9.73 -20.34 -4.50
C LEU C 251 11.04 -19.80 -5.07
N GLU C 252 11.99 -20.71 -5.32
CA GLU C 252 13.27 -20.35 -5.91
C GLU C 252 13.44 -20.84 -7.34
N HIS C 253 12.69 -21.87 -7.75
CA HIS C 253 12.75 -22.38 -9.11
C HIS C 253 11.36 -22.81 -9.54
N LEU C 254 11.09 -22.66 -10.84
CA LEU C 254 9.83 -23.08 -11.42
C LEU C 254 10.07 -24.34 -12.25
N PRO C 255 9.38 -25.45 -11.96
CA PRO C 255 9.64 -26.69 -12.70
C PRO C 255 9.32 -26.54 -14.18
N LYS C 256 10.10 -27.24 -15.00
CA LYS C 256 9.92 -27.18 -16.44
C LYS C 256 8.60 -27.80 -16.89
N GLU C 257 7.94 -28.57 -16.03
CA GLU C 257 6.65 -29.16 -16.37
C GLU C 257 5.54 -28.14 -16.47
N ILE C 258 5.76 -26.90 -16.03
CA ILE C 258 4.74 -25.86 -16.12
C ILE C 258 4.32 -25.59 -17.55
N GLY C 259 5.21 -25.86 -18.51
CA GLY C 259 4.88 -25.67 -19.91
C GLY C 259 3.85 -26.64 -20.45
N ASN C 260 3.58 -27.74 -19.73
CA ASN C 260 2.55 -28.68 -20.17
C ASN C 260 1.15 -28.15 -19.95
N CYS C 261 0.99 -27.15 -19.07
CA CYS C 261 -0.32 -26.54 -18.84
C CYS C 261 -0.54 -25.41 -19.85
N THR C 262 -0.79 -25.84 -21.09
CA THR C 262 -0.89 -24.91 -22.21
C THR C 262 -2.12 -24.01 -22.15
N GLN C 263 -3.08 -24.31 -21.26
CA GLN C 263 -4.29 -23.50 -21.15
C GLN C 263 -4.16 -22.37 -20.14
N ILE C 264 -3.00 -22.21 -19.51
CA ILE C 264 -2.83 -21.15 -18.52
C ILE C 264 -2.79 -19.80 -19.22
N THR C 265 -3.61 -18.86 -18.75
CA THR C 265 -3.63 -17.51 -19.28
C THR C 265 -3.21 -16.46 -18.27
N ASN C 266 -3.25 -16.77 -16.97
CA ASN C 266 -2.88 -15.83 -15.92
C ASN C 266 -1.97 -16.56 -14.94
N LEU C 267 -0.66 -16.36 -15.07
CA LEU C 267 0.34 -16.97 -14.21
C LEU C 267 0.99 -15.88 -13.37
N ASP C 268 0.94 -16.03 -12.05
CA ASP C 268 1.46 -15.04 -11.12
C ASP C 268 2.67 -15.61 -10.39
N LEU C 269 3.81 -14.95 -10.51
CA LEU C 269 5.05 -15.39 -9.88
C LEU C 269 5.71 -14.26 -9.10
N GLN C 270 4.99 -13.18 -8.82
CA GLN C 270 5.59 -12.02 -8.18
C GLN C 270 5.89 -12.28 -6.71
N HIS C 271 6.82 -11.49 -6.17
CA HIS C 271 7.20 -11.55 -4.76
C HIS C 271 7.65 -12.95 -4.35
N ASN C 272 8.49 -13.55 -5.19
CA ASN C 272 9.12 -14.84 -4.90
C ASN C 272 10.64 -14.66 -4.97
N GLU C 273 11.35 -15.79 -4.86
CA GLU C 273 12.80 -15.80 -4.93
C GLU C 273 13.30 -16.54 -6.16
N LEU C 274 12.53 -16.50 -7.24
CA LEU C 274 12.89 -17.20 -8.47
C LEU C 274 14.21 -16.69 -9.02
N LEU C 275 15.11 -17.61 -9.37
CA LEU C 275 16.39 -17.25 -9.96
C LEU C 275 16.35 -17.24 -11.48
N ASP C 276 15.53 -18.08 -12.09
CA ASP C 276 15.39 -18.12 -13.53
C ASP C 276 14.07 -18.76 -13.90
N LEU C 277 13.65 -18.54 -15.14
CA LEU C 277 12.42 -19.15 -15.63
C LEU C 277 12.75 -20.33 -16.54
N PRO C 278 11.93 -21.38 -16.52
CA PRO C 278 12.18 -22.52 -17.41
C PRO C 278 11.97 -22.14 -18.87
N ASP C 279 12.73 -22.81 -19.74
CA ASP C 279 12.62 -22.56 -21.17
C ASP C 279 11.30 -23.04 -21.75
N THR C 280 10.52 -23.81 -21.00
CA THR C 280 9.23 -24.30 -21.47
C THR C 280 8.10 -23.29 -21.24
N ILE C 281 8.40 -22.14 -20.64
CA ILE C 281 7.38 -21.12 -20.41
C ILE C 281 6.82 -20.58 -21.71
N GLY C 282 7.58 -20.70 -22.81
CA GLY C 282 7.10 -20.24 -24.10
C GLY C 282 5.99 -21.09 -24.69
N ASN C 283 5.77 -22.29 -24.16
CA ASN C 283 4.68 -23.13 -24.63
C ASN C 283 3.31 -22.61 -24.20
N LEU C 284 3.25 -21.62 -23.31
CA LEU C 284 2.00 -21.03 -22.87
C LEU C 284 1.60 -19.97 -23.90
N SER C 285 1.08 -20.45 -25.04
CA SER C 285 0.72 -19.54 -26.12
C SER C 285 -0.47 -18.67 -25.75
N SER C 286 -1.33 -19.13 -24.86
CA SER C 286 -2.51 -18.38 -24.43
C SER C 286 -2.25 -17.49 -23.22
N LEU C 287 -1.01 -17.45 -22.73
CA LEU C 287 -0.70 -16.64 -21.57
C LEU C 287 -0.84 -15.16 -21.90
N SER C 288 -1.55 -14.44 -21.04
CA SER C 288 -1.77 -13.01 -21.22
C SER C 288 -1.28 -12.16 -20.06
N ARG C 289 -1.24 -12.70 -18.84
CA ARG C 289 -0.74 -11.98 -17.67
C ARG C 289 0.37 -12.81 -17.04
N LEU C 290 1.53 -12.18 -16.85
CA LEU C 290 2.68 -12.82 -16.23
C LEU C 290 3.29 -11.85 -15.22
N GLY C 291 3.22 -12.21 -13.94
CA GLY C 291 3.77 -11.39 -12.89
C GLY C 291 5.16 -11.86 -12.50
N LEU C 292 6.15 -11.01 -12.74
CA LEU C 292 7.54 -11.33 -12.44
C LEU C 292 8.22 -10.28 -11.58
N ARG C 293 7.49 -9.29 -11.09
CA ARG C 293 8.09 -8.24 -10.28
C ARG C 293 8.54 -8.77 -8.93
N TYR C 294 9.60 -8.17 -8.40
CA TYR C 294 10.15 -8.49 -7.08
C TYR C 294 10.56 -9.97 -7.00
N ASN C 295 11.54 -10.33 -7.83
CA ASN C 295 12.15 -11.65 -7.79
C ASN C 295 13.65 -11.52 -7.89
N ARG C 296 14.35 -12.64 -8.10
CA ARG C 296 15.80 -12.65 -8.25
C ARG C 296 16.22 -13.08 -9.66
N LEU C 297 15.36 -12.85 -10.64
CA LEU C 297 15.66 -13.23 -12.01
C LEU C 297 16.85 -12.45 -12.54
N SER C 298 17.75 -13.14 -13.23
CA SER C 298 18.91 -12.51 -13.84
C SER C 298 18.83 -12.40 -15.36
N ALA C 299 17.94 -13.16 -16.00
CA ALA C 299 17.78 -13.09 -17.44
C ALA C 299 16.39 -13.60 -17.80
N ILE C 300 15.95 -13.24 -19.00
CA ILE C 300 14.66 -13.63 -19.55
C ILE C 300 14.91 -14.60 -20.69
N PRO C 301 14.35 -15.81 -20.66
CA PRO C 301 14.57 -16.75 -21.77
C PRO C 301 13.96 -16.24 -23.06
N ARG C 302 14.58 -16.62 -24.17
CA ARG C 302 14.11 -16.19 -25.48
C ARG C 302 12.77 -16.82 -25.85
N SER C 303 12.37 -17.89 -25.16
CA SER C 303 11.10 -18.54 -25.47
C SER C 303 9.91 -17.68 -25.07
N LEU C 304 10.10 -16.69 -24.20
CA LEU C 304 9.00 -15.83 -23.79
C LEU C 304 8.43 -15.02 -24.96
N ALA C 305 9.21 -14.83 -26.02
CA ALA C 305 8.71 -14.13 -27.20
C ALA C 305 7.55 -14.86 -27.87
N LYS C 306 7.43 -16.17 -27.65
CA LYS C 306 6.32 -16.93 -28.21
C LYS C 306 4.99 -16.57 -27.56
N CYS C 307 5.03 -15.99 -26.35
CA CYS C 307 3.82 -15.56 -25.66
C CYS C 307 3.42 -14.17 -26.14
N SER C 308 2.93 -14.12 -27.39
CA SER C 308 2.58 -12.86 -28.02
C SER C 308 1.29 -12.25 -27.46
N ALA C 309 0.55 -12.98 -26.62
CA ALA C 309 -0.69 -12.49 -26.05
C ALA C 309 -0.48 -11.65 -24.79
N LEU C 310 0.76 -11.49 -24.34
CA LEU C 310 1.02 -10.69 -23.14
C LEU C 310 0.69 -9.23 -23.40
N GLU C 311 -0.03 -8.62 -22.46
CA GLU C 311 -0.40 -7.21 -22.56
C GLU C 311 0.54 -6.29 -21.80
N GLU C 312 1.07 -6.73 -20.66
CA GLU C 312 2.01 -5.95 -19.87
C GLU C 312 3.14 -6.85 -19.40
N LEU C 313 4.36 -6.33 -19.42
CA LEU C 313 5.54 -7.05 -18.96
C LEU C 313 6.21 -6.22 -17.88
N ASN C 314 5.95 -6.56 -16.62
CA ASN C 314 6.50 -5.85 -15.47
C ASN C 314 7.66 -6.67 -14.90
N LEU C 315 8.85 -6.08 -14.85
CA LEU C 315 10.04 -6.73 -14.35
C LEU C 315 10.69 -5.89 -13.25
N GLU C 316 9.87 -5.26 -12.42
CA GLU C 316 10.36 -4.37 -11.38
C GLU C 316 11.09 -5.16 -10.30
N ASN C 317 12.20 -4.59 -9.81
CA ASN C 317 12.97 -5.12 -8.70
C ASN C 317 13.47 -6.54 -9.00
N ASN C 318 14.32 -6.63 -10.01
CA ASN C 318 14.98 -7.87 -10.38
C ASN C 318 16.45 -7.58 -10.68
N ASN C 319 17.19 -8.62 -11.05
CA ASN C 319 18.59 -8.50 -11.42
C ASN C 319 18.80 -8.51 -12.93
N ILE C 320 17.73 -8.35 -13.71
CA ILE C 320 17.83 -8.40 -15.16
C ILE C 320 18.62 -7.20 -15.65
N SER C 321 19.60 -7.45 -16.52
CA SER C 321 20.40 -6.40 -17.12
C SER C 321 20.30 -6.33 -18.63
N THR C 322 19.90 -7.41 -19.30
CA THR C 322 19.75 -7.45 -20.75
C THR C 322 18.49 -8.22 -21.10
N LEU C 323 17.99 -7.97 -22.31
CA LEU C 323 16.81 -8.64 -22.82
C LEU C 323 17.10 -9.23 -24.20
N PRO C 324 16.42 -10.31 -24.56
CA PRO C 324 16.59 -10.86 -25.92
C PRO C 324 16.19 -9.85 -26.98
N GLU C 325 16.89 -9.90 -28.12
CA GLU C 325 16.67 -8.92 -29.17
C GLU C 325 15.27 -9.05 -29.76
N SER C 326 14.76 -10.28 -29.90
CA SER C 326 13.46 -10.52 -30.50
C SER C 326 12.35 -10.61 -29.46
N LEU C 327 12.63 -10.33 -28.20
CA LEU C 327 11.62 -10.46 -27.16
C LEU C 327 10.55 -9.38 -27.31
N LEU C 328 10.94 -8.11 -27.23
CA LEU C 328 9.96 -7.02 -27.27
C LEU C 328 9.32 -6.90 -28.65
N SER C 329 10.05 -7.25 -29.71
CA SER C 329 9.49 -7.16 -31.06
C SER C 329 8.32 -8.14 -31.23
N SER C 330 8.44 -9.34 -30.68
CA SER C 330 7.38 -10.34 -30.82
C SER C 330 6.17 -10.03 -29.96
N LEU C 331 6.31 -9.20 -28.93
CA LEU C 331 5.20 -8.83 -28.06
C LEU C 331 4.38 -7.73 -28.73
N VAL C 332 3.59 -8.16 -29.72
CA VAL C 332 2.79 -7.22 -30.50
C VAL C 332 1.71 -6.57 -29.66
N LYS C 333 1.22 -7.26 -28.63
CA LYS C 333 0.15 -6.76 -27.78
C LYS C 333 0.66 -6.07 -26.52
N LEU C 334 1.98 -5.90 -26.40
CA LEU C 334 2.56 -5.28 -25.20
C LEU C 334 2.16 -3.81 -25.15
N ASN C 335 1.36 -3.46 -24.14
CA ASN C 335 0.92 -2.08 -23.96
C ASN C 335 1.77 -1.28 -22.98
N SER C 336 2.47 -1.95 -22.06
CA SER C 336 3.29 -1.27 -21.08
C SER C 336 4.50 -2.13 -20.75
N LEU C 337 5.63 -1.46 -20.51
CA LEU C 337 6.87 -2.14 -20.16
C LEU C 337 7.47 -1.48 -18.92
N THR C 338 7.79 -2.28 -17.92
CA THR C 338 8.37 -1.79 -16.67
C THR C 338 9.68 -2.52 -16.41
N LEU C 339 10.76 -1.77 -16.25
CA LEU C 339 12.08 -2.30 -15.97
C LEU C 339 12.72 -1.60 -14.78
N ALA C 340 11.90 -1.15 -13.83
CA ALA C 340 12.39 -0.36 -12.72
C ALA C 340 13.18 -1.22 -11.73
N ARG C 341 14.10 -0.58 -11.02
CA ARG C 341 14.87 -1.21 -9.94
C ARG C 341 15.60 -2.46 -10.42
N ASN C 342 16.20 -2.38 -11.60
CA ASN C 342 16.98 -3.46 -12.18
C ASN C 342 18.44 -3.02 -12.33
N CYS C 343 19.24 -3.89 -12.94
CA CYS C 343 20.66 -3.63 -13.14
C CYS C 343 20.98 -3.13 -14.54
N PHE C 344 20.00 -2.53 -15.22
CA PHE C 344 20.23 -2.03 -16.57
C PHE C 344 21.19 -0.86 -16.56
N GLN C 345 22.23 -0.94 -17.39
CA GLN C 345 23.12 0.18 -17.64
C GLN C 345 22.96 0.75 -19.05
N LEU C 346 22.24 0.05 -19.93
CA LEU C 346 21.99 0.51 -21.29
C LEU C 346 20.58 0.11 -21.68
N TYR C 347 20.06 0.79 -22.69
CA TYR C 347 18.75 0.43 -23.23
C TYR C 347 18.82 -0.94 -23.88
N PRO C 348 17.71 -1.68 -23.90
CA PRO C 348 17.72 -3.02 -24.49
C PRO C 348 18.15 -2.99 -25.95
N VAL C 349 18.95 -3.98 -26.34
CA VAL C 349 19.49 -4.03 -27.69
C VAL C 349 18.37 -4.36 -28.68
N GLY C 350 18.25 -3.57 -29.72
CA GLY C 350 17.24 -3.77 -30.74
C GLY C 350 16.91 -2.48 -31.45
N GLY C 351 16.05 -2.60 -32.45
CA GLY C 351 15.64 -1.45 -33.22
C GLY C 351 14.53 -0.68 -32.54
N PRO C 352 14.15 0.44 -33.15
CA PRO C 352 13.04 1.24 -32.60
C PRO C 352 11.71 0.51 -32.59
N SER C 353 11.56 -0.55 -33.39
CA SER C 353 10.29 -1.26 -33.48
C SER C 353 9.88 -1.91 -32.17
N GLN C 354 10.84 -2.18 -31.27
CA GLN C 354 10.52 -2.84 -30.00
C GLN C 354 9.66 -1.97 -29.10
N PHE C 355 9.62 -0.66 -29.33
CA PHE C 355 8.81 0.26 -28.53
C PHE C 355 7.62 0.81 -29.30
N SER C 356 7.26 0.21 -30.43
CA SER C 356 6.20 0.75 -31.27
C SER C 356 4.82 0.55 -30.69
N THR C 357 4.64 -0.37 -29.74
CA THR C 357 3.32 -0.70 -29.23
C THR C 357 3.06 -0.26 -27.80
N ILE C 358 4.10 0.01 -27.01
CA ILE C 358 3.92 0.30 -25.60
C ILE C 358 3.41 1.72 -25.42
N TYR C 359 2.47 1.88 -24.48
CA TYR C 359 1.97 3.21 -24.14
C TYR C 359 2.86 3.90 -23.10
N SER C 360 3.45 3.13 -22.18
CA SER C 360 4.27 3.68 -21.12
C SER C 360 5.55 2.87 -20.99
N LEU C 361 6.63 3.54 -20.61
CA LEU C 361 7.94 2.92 -20.45
C LEU C 361 8.54 3.41 -19.13
N ASN C 362 8.60 2.52 -18.14
CA ASN C 362 9.17 2.83 -16.83
C ASN C 362 10.51 2.13 -16.71
N MET C 363 11.59 2.91 -16.59
CA MET C 363 12.95 2.38 -16.47
C MET C 363 13.69 3.11 -15.37
N GLU C 364 13.00 3.45 -14.28
CA GLU C 364 13.59 4.22 -13.20
C GLU C 364 14.48 3.34 -12.32
N HIS C 365 15.29 4.00 -11.49
CA HIS C 365 16.14 3.36 -10.50
C HIS C 365 17.18 2.43 -11.12
N ASN C 366 17.45 2.57 -12.42
CA ASN C 366 18.48 1.79 -13.08
C ASN C 366 19.78 2.59 -13.10
N ARG C 367 20.76 2.11 -13.86
CA ARG C 367 22.05 2.79 -14.02
C ARG C 367 22.28 3.20 -15.47
N ILE C 368 21.21 3.48 -16.20
CA ILE C 368 21.31 3.87 -17.60
C ILE C 368 21.94 5.26 -17.69
N ASN C 369 22.93 5.41 -18.57
CA ASN C 369 23.65 6.66 -18.72
C ASN C 369 23.43 7.34 -20.08
N LYS C 370 22.96 6.61 -21.08
CA LYS C 370 22.77 7.17 -22.41
C LYS C 370 21.46 6.66 -23.00
N ILE C 371 20.71 7.56 -23.62
CA ILE C 371 19.51 7.22 -24.37
C ILE C 371 19.88 7.11 -25.84
N PRO C 372 19.69 5.96 -26.48
CA PRO C 372 20.12 5.81 -27.88
C PRO C 372 19.42 6.79 -28.80
N PHE C 373 20.15 7.24 -29.81
CA PHE C 373 19.58 8.14 -30.82
C PHE C 373 18.57 7.39 -31.66
N GLY C 374 17.40 8.00 -31.86
CA GLY C 374 16.37 7.39 -32.67
C GLY C 374 15.66 6.21 -32.05
N ILE C 375 15.79 6.00 -30.75
CA ILE C 375 15.17 4.85 -30.11
C ILE C 375 13.65 4.94 -30.15
N PHE C 376 13.10 6.15 -30.05
CA PHE C 376 11.65 6.36 -30.02
C PHE C 376 11.12 6.89 -31.35
N SER C 377 11.85 6.67 -32.44
CA SER C 377 11.38 7.14 -33.75
C SER C 377 10.08 6.46 -34.15
N ARG C 378 9.97 5.16 -33.93
CA ARG C 378 8.77 4.40 -34.26
C ARG C 378 7.79 4.31 -33.11
N ALA C 379 8.12 4.89 -31.95
CA ALA C 379 7.25 4.83 -30.77
C ALA C 379 6.20 5.93 -30.84
N LYS C 380 5.29 5.78 -31.82
CA LYS C 380 4.22 6.75 -31.99
C LYS C 380 3.22 6.69 -30.84
N VAL C 381 3.03 5.50 -30.25
CA VAL C 381 2.04 5.35 -29.19
C VAL C 381 2.59 5.69 -27.81
N LEU C 382 3.91 5.69 -27.64
CA LEU C 382 4.50 5.97 -26.33
C LEU C 382 4.14 7.38 -25.88
N SER C 383 3.68 7.50 -24.64
CA SER C 383 3.26 8.80 -24.11
C SER C 383 3.91 9.08 -22.76
N LYS C 384 4.21 8.05 -21.99
CA LYS C 384 4.81 8.18 -20.67
C LYS C 384 6.19 7.57 -20.66
N LEU C 385 7.18 8.35 -20.23
CA LEU C 385 8.55 7.88 -20.08
C LEU C 385 9.05 8.27 -18.70
N ASN C 386 9.59 7.30 -17.97
CA ASN C 386 10.10 7.53 -16.62
C ASN C 386 11.58 7.13 -16.58
N MET C 387 12.44 8.10 -16.31
CA MET C 387 13.88 7.87 -16.20
C MET C 387 14.42 8.39 -14.86
N LYS C 388 13.60 8.31 -13.82
CA LYS C 388 13.98 8.81 -12.51
C LYS C 388 15.11 7.97 -11.92
N ASP C 389 16.06 8.65 -11.27
CA ASP C 389 17.17 8.01 -10.55
C ASP C 389 17.99 7.12 -11.49
N ASN C 390 18.60 7.76 -12.48
CA ASN C 390 19.51 7.08 -13.40
C ASN C 390 20.83 7.83 -13.49
N GLN C 391 21.70 7.43 -14.41
CA GLN C 391 23.02 8.04 -14.59
C GLN C 391 23.07 8.92 -15.84
N LEU C 392 21.94 9.49 -16.24
CA LEU C 392 21.89 10.32 -17.43
C LEU C 392 22.65 11.63 -17.20
N THR C 393 23.53 11.96 -18.16
CA THR C 393 24.27 13.21 -18.12
C THR C 393 23.91 14.16 -19.26
N SER C 394 23.21 13.69 -20.28
CA SER C 394 22.82 14.53 -21.41
C SER C 394 21.59 13.90 -22.05
N LEU C 395 21.16 14.46 -23.17
CA LEU C 395 19.98 14.00 -23.89
C LEU C 395 20.33 13.79 -25.36
N PRO C 396 19.63 12.86 -26.03
CA PRO C 396 19.92 12.60 -27.45
C PRO C 396 19.55 13.80 -28.32
N LEU C 397 20.21 13.86 -29.48
CA LEU C 397 19.98 14.98 -30.39
C LEU C 397 18.55 15.02 -30.91
N ASP C 398 17.88 13.86 -30.95
CA ASP C 398 16.48 13.79 -31.40
C ASP C 398 15.50 13.92 -30.24
N PHE C 399 15.89 14.61 -29.17
CA PHE C 399 15.01 14.81 -28.03
C PHE C 399 13.75 15.58 -28.41
N GLY C 400 13.85 16.47 -29.39
CA GLY C 400 12.71 17.24 -29.84
C GLY C 400 11.74 16.50 -30.74
N THR C 401 12.08 15.29 -31.16
CA THR C 401 11.23 14.49 -32.02
C THR C 401 10.20 13.68 -31.24
N TRP C 402 10.19 13.77 -29.91
CA TRP C 402 9.25 13.03 -29.08
C TRP C 402 7.92 13.78 -28.99
N THR C 403 7.31 13.97 -30.16
CA THR C 403 6.06 14.73 -30.23
C THR C 403 4.90 14.01 -29.56
N SER C 404 4.98 12.69 -29.41
CA SER C 404 3.91 11.94 -28.76
C SER C 404 4.03 11.90 -27.25
N MET C 405 5.11 12.43 -26.69
CA MET C 405 5.32 12.39 -25.25
C MET C 405 4.30 13.27 -24.54
N VAL C 406 3.80 12.78 -23.41
CA VAL C 406 2.84 13.48 -22.57
C VAL C 406 3.39 13.75 -21.18
N GLU C 407 3.91 12.72 -20.53
CA GLU C 407 4.55 12.84 -19.22
C GLU C 407 5.99 12.38 -19.33
N LEU C 408 6.91 13.22 -18.89
CA LEU C 408 8.33 12.92 -18.93
C LEU C 408 8.93 13.14 -17.55
N ASN C 409 9.64 12.13 -17.04
CA ASN C 409 10.27 12.20 -15.72
C ASN C 409 11.76 11.95 -15.89
N LEU C 410 12.57 12.97 -15.59
CA LEU C 410 14.02 12.87 -15.66
C LEU C 410 14.64 13.27 -14.33
N ALA C 411 13.94 13.04 -13.23
CA ALA C 411 14.40 13.45 -11.92
C ALA C 411 15.59 12.61 -11.47
N THR C 412 16.41 13.19 -10.60
CA THR C 412 17.56 12.51 -9.98
C THR C 412 18.52 12.00 -11.05
N ASN C 413 19.09 12.95 -11.81
CA ASN C 413 20.07 12.64 -12.84
C ASN C 413 21.14 13.72 -12.82
N GLN C 414 22.18 13.49 -13.63
CA GLN C 414 23.31 14.42 -13.73
C GLN C 414 23.17 15.37 -14.91
N LEU C 415 21.94 15.70 -15.29
CA LEU C 415 21.73 16.62 -16.40
C LEU C 415 22.17 18.03 -16.03
N THR C 416 22.93 18.67 -16.92
CA THR C 416 23.43 20.02 -16.68
C THR C 416 22.67 21.09 -17.46
N LYS C 417 22.10 20.74 -18.61
CA LYS C 417 21.34 21.68 -19.40
C LYS C 417 20.28 20.94 -20.19
N ILE C 418 19.26 21.67 -20.61
CA ILE C 418 18.16 21.15 -21.42
C ILE C 418 18.33 21.68 -22.83
N PRO C 419 18.36 20.83 -23.85
CA PRO C 419 18.57 21.31 -25.22
C PRO C 419 17.39 22.15 -25.71
N GLU C 420 17.68 23.03 -26.66
CA GLU C 420 16.66 23.92 -27.21
C GLU C 420 15.61 23.17 -28.02
N ASP C 421 15.83 21.90 -28.34
CA ASP C 421 14.86 21.10 -29.08
C ASP C 421 13.61 20.79 -28.27
N VAL C 422 13.61 21.07 -26.96
CA VAL C 422 12.47 20.77 -26.11
C VAL C 422 11.22 21.50 -26.56
N SER C 423 11.37 22.57 -27.35
CA SER C 423 10.20 23.30 -27.84
C SER C 423 9.32 22.47 -28.75
N GLY C 424 9.85 21.37 -29.31
CA GLY C 424 9.07 20.52 -30.18
C GLY C 424 8.14 19.56 -29.49
N LEU C 425 8.19 19.48 -28.15
CA LEU C 425 7.32 18.60 -27.39
C LEU C 425 6.00 19.32 -27.10
N VAL C 426 5.20 19.47 -28.16
CA VAL C 426 3.95 20.21 -28.05
C VAL C 426 2.95 19.48 -27.16
N SER C 427 2.96 18.14 -27.21
CA SER C 427 1.99 17.35 -26.44
C SER C 427 2.41 17.13 -24.99
N LEU C 428 3.61 17.57 -24.59
CA LEU C 428 4.06 17.38 -23.23
C LEU C 428 3.17 18.13 -22.25
N GLU C 429 2.81 17.47 -21.16
CA GLU C 429 1.96 18.06 -20.13
C GLU C 429 2.60 18.06 -18.75
N VAL C 430 3.35 17.01 -18.41
CA VAL C 430 4.01 16.91 -17.11
C VAL C 430 5.49 16.70 -17.35
N LEU C 431 6.32 17.60 -16.82
CA LEU C 431 7.76 17.52 -16.95
C LEU C 431 8.37 17.63 -15.56
N ILE C 432 9.18 16.64 -15.19
CA ILE C 432 9.84 16.59 -13.89
C ILE C 432 11.34 16.59 -14.13
N LEU C 433 12.04 17.60 -13.60
CA LEU C 433 13.48 17.72 -13.73
C LEU C 433 14.13 18.00 -12.38
N SER C 434 13.53 17.51 -11.30
CA SER C 434 14.04 17.77 -9.97
C SER C 434 15.31 16.95 -9.71
N ASN C 435 16.09 17.43 -8.73
CA ASN C 435 17.32 16.76 -8.29
C ASN C 435 18.31 16.60 -9.45
N ASN C 436 18.53 17.69 -10.17
CA ASN C 436 19.51 17.69 -11.26
C ASN C 436 20.51 18.83 -11.08
N LEU C 437 21.34 19.05 -12.09
CA LEU C 437 22.37 20.09 -12.05
C LEU C 437 22.04 21.23 -13.01
N LEU C 438 20.76 21.45 -13.29
CA LEU C 438 20.37 22.52 -14.20
C LEU C 438 20.64 23.88 -13.57
N LYS C 439 21.18 24.80 -14.38
CA LYS C 439 21.45 26.16 -13.93
C LYS C 439 20.55 27.20 -14.56
N LYS C 440 19.99 26.94 -15.73
CA LYS C 440 19.09 27.88 -16.40
C LYS C 440 18.18 27.13 -17.34
N LEU C 441 16.94 27.58 -17.41
CA LEU C 441 15.97 26.98 -18.34
C LEU C 441 16.20 27.53 -19.74
N PRO C 442 16.31 26.67 -20.75
CA PRO C 442 16.61 27.17 -22.10
C PRO C 442 15.47 27.98 -22.67
N HIS C 443 15.83 28.93 -23.54
CA HIS C 443 14.83 29.70 -24.25
C HIS C 443 14.02 28.81 -25.17
N GLY C 444 12.72 29.09 -25.28
CA GLY C 444 11.80 28.26 -26.01
C GLY C 444 10.99 27.31 -25.17
N LEU C 445 11.18 27.33 -23.85
CA LEU C 445 10.37 26.50 -22.96
C LEU C 445 8.91 26.91 -22.96
N GLY C 446 8.61 28.15 -23.37
CA GLY C 446 7.24 28.61 -23.43
C GLY C 446 6.43 28.02 -24.56
N ASN C 447 7.08 27.34 -25.51
CA ASN C 447 6.36 26.68 -26.59
C ASN C 447 5.52 25.51 -26.10
N LEU C 448 5.74 25.03 -24.88
CA LEU C 448 4.97 23.93 -24.32
C LEU C 448 3.61 24.48 -23.90
N ARG C 449 2.72 24.60 -24.88
CA ARG C 449 1.39 25.14 -24.61
C ARG C 449 0.59 24.24 -23.68
N LYS C 450 0.70 22.92 -23.87
CA LYS C 450 -0.07 21.96 -23.10
C LYS C 450 0.58 21.61 -21.77
N LEU C 451 1.74 22.18 -21.45
CA LEU C 451 2.41 21.88 -20.18
C LEU C 451 1.53 22.28 -19.01
N ARG C 452 1.40 21.38 -18.05
CA ARG C 452 0.55 21.58 -16.88
C ARG C 452 1.31 21.55 -15.56
N GLU C 453 2.26 20.63 -15.40
CA GLU C 453 3.04 20.52 -14.18
C GLU C 453 4.52 20.58 -14.52
N LEU C 454 5.25 21.44 -13.82
CA LEU C 454 6.70 21.57 -13.99
C LEU C 454 7.35 21.46 -12.62
N ASP C 455 8.27 20.51 -12.48
CA ASP C 455 8.97 20.27 -11.22
C ASP C 455 10.45 20.58 -11.42
N LEU C 456 10.98 21.46 -10.57
CA LEU C 456 12.39 21.85 -10.64
C LEU C 456 13.01 21.92 -9.25
N GLU C 457 12.54 21.08 -8.33
CA GLU C 457 13.02 21.10 -6.96
C GLU C 457 14.47 20.63 -6.88
N GLU C 458 15.25 21.30 -6.01
CA GLU C 458 16.63 20.93 -5.72
C GLU C 458 17.49 20.96 -6.99
N ASN C 459 17.62 22.15 -7.55
CA ASN C 459 18.51 22.38 -8.69
C ASN C 459 19.41 23.56 -8.41
N LYS C 460 20.19 23.98 -9.41
CA LYS C 460 21.10 25.12 -9.29
C LYS C 460 20.65 26.27 -10.18
N LEU C 461 19.34 26.46 -10.30
CA LEU C 461 18.80 27.51 -11.15
C LEU C 461 19.15 28.88 -10.60
N GLU C 462 19.55 29.79 -11.48
CA GLU C 462 19.89 31.15 -11.11
C GLU C 462 18.80 32.15 -11.45
N SER C 463 18.18 32.01 -12.62
CA SER C 463 17.11 32.92 -13.03
C SER C 463 16.16 32.17 -13.95
N LEU C 464 14.94 32.70 -14.07
CA LEU C 464 13.96 32.07 -14.94
C LEU C 464 13.79 32.88 -16.23
N PRO C 465 13.68 32.21 -17.37
CA PRO C 465 13.51 32.94 -18.63
C PRO C 465 12.15 33.62 -18.70
N ASN C 466 12.11 34.71 -19.47
CA ASN C 466 10.87 35.45 -19.66
C ASN C 466 9.86 34.67 -20.49
N GLU C 467 10.27 33.62 -21.18
CA GLU C 467 9.36 32.81 -21.97
C GLU C 467 8.42 31.96 -21.13
N ILE C 468 8.65 31.89 -19.81
CA ILE C 468 7.77 31.12 -18.94
C ILE C 468 6.37 31.70 -18.89
N ALA C 469 6.21 32.97 -19.30
CA ALA C 469 4.90 33.61 -19.28
C ALA C 469 3.92 32.99 -20.29
N TYR C 470 4.42 32.21 -21.24
CA TYR C 470 3.58 31.62 -22.27
C TYR C 470 2.96 30.29 -21.84
N LEU C 471 3.25 29.81 -20.63
CA LEU C 471 2.69 28.55 -20.13
C LEU C 471 1.30 28.84 -19.56
N LYS C 472 0.34 28.99 -20.47
CA LYS C 472 -1.02 29.33 -20.07
C LYS C 472 -1.69 28.18 -19.31
N ASP C 473 -1.36 26.94 -19.65
CA ASP C 473 -1.98 25.78 -19.03
C ASP C 473 -1.22 25.28 -17.80
N LEU C 474 -0.15 25.96 -17.41
CA LEU C 474 0.62 25.53 -16.24
C LEU C 474 -0.22 25.70 -14.98
N GLN C 475 -0.26 24.64 -14.17
CA GLN C 475 -1.05 24.64 -12.93
C GLN C 475 -0.22 24.47 -11.67
N LYS C 476 0.88 23.73 -11.74
CA LYS C 476 1.74 23.51 -10.58
C LYS C 476 3.18 23.81 -10.96
N LEU C 477 3.85 24.62 -10.16
CA LEU C 477 5.24 24.97 -10.36
C LEU C 477 5.99 24.80 -9.06
N VAL C 478 7.07 24.03 -9.08
CA VAL C 478 7.89 23.75 -7.92
C VAL C 478 9.30 24.26 -8.19
N LEU C 479 9.79 25.14 -7.31
CA LEU C 479 11.12 25.72 -7.43
C LEU C 479 11.86 25.67 -6.09
N THR C 480 11.54 24.69 -5.26
CA THR C 480 12.16 24.58 -3.95
C THR C 480 13.63 24.24 -4.07
N ASN C 481 14.44 24.79 -3.16
CA ASN C 481 15.87 24.53 -3.09
C ASN C 481 16.57 24.92 -4.40
N ASN C 482 16.50 26.21 -4.71
CA ASN C 482 17.14 26.75 -5.90
C ASN C 482 17.79 28.09 -5.55
N GLN C 483 18.72 28.51 -6.39
CA GLN C 483 19.47 29.75 -6.19
C GLN C 483 18.79 30.95 -6.86
N LEU C 484 17.48 30.90 -7.06
CA LEU C 484 16.77 32.01 -7.69
C LEU C 484 16.76 33.22 -6.78
N THR C 485 16.97 34.40 -7.38
CA THR C 485 16.98 35.67 -6.66
C THR C 485 15.76 36.53 -6.92
N THR C 486 15.30 36.61 -8.17
CA THR C 486 14.14 37.40 -8.52
C THR C 486 13.27 36.61 -9.49
N LEU C 487 11.97 36.90 -9.47
CA LEU C 487 11.05 36.24 -10.39
C LEU C 487 10.71 37.16 -11.55
N PRO C 488 10.57 36.61 -12.76
CA PRO C 488 10.21 37.44 -13.91
C PRO C 488 8.84 38.05 -13.75
N ARG C 489 8.66 39.24 -14.31
CA ARG C 489 7.37 39.93 -14.25
C ARG C 489 6.30 39.24 -15.07
N GLY C 490 6.67 38.30 -15.93
CA GLY C 490 5.70 37.55 -16.71
C GLY C 490 5.03 36.42 -15.96
N ILE C 491 5.41 36.18 -14.71
CA ILE C 491 4.79 35.12 -13.93
C ILE C 491 3.32 35.41 -13.64
N GLY C 492 2.89 36.66 -13.79
CA GLY C 492 1.50 37.02 -13.56
C GLY C 492 0.55 36.56 -14.64
N HIS C 493 1.07 36.10 -15.78
CA HIS C 493 0.24 35.60 -16.86
C HIS C 493 -0.19 34.16 -16.67
N LEU C 494 0.29 33.48 -15.63
CA LEU C 494 -0.06 32.09 -15.36
C LEU C 494 -1.38 32.05 -14.61
N THR C 495 -2.46 32.34 -15.35
CA THR C 495 -3.79 32.42 -14.75
C THR C 495 -4.26 31.07 -14.22
N ASN C 496 -3.76 29.97 -14.75
CA ASN C 496 -4.15 28.64 -14.30
C ASN C 496 -3.26 28.10 -13.20
N LEU C 497 -2.27 28.87 -12.74
CA LEU C 497 -1.35 28.40 -11.73
C LEU C 497 -2.04 28.34 -10.38
N THR C 498 -2.00 27.17 -9.73
CA THR C 498 -2.62 26.98 -8.42
C THR C 498 -1.62 26.67 -7.32
N HIS C 499 -0.43 26.17 -7.65
CA HIS C 499 0.58 25.82 -6.67
C HIS C 499 1.90 26.45 -7.08
N LEU C 500 2.58 27.08 -6.11
CA LEU C 500 3.85 27.75 -6.36
C LEU C 500 4.77 27.49 -5.17
N GLY C 501 5.78 26.66 -5.37
CA GLY C 501 6.73 26.36 -4.31
C GLY C 501 8.04 27.11 -4.48
N LEU C 502 8.27 28.13 -3.66
CA LEU C 502 9.46 28.96 -3.73
C LEU C 502 10.33 28.85 -2.49
N GLY C 503 10.18 27.77 -1.72
CA GLY C 503 10.94 27.64 -0.48
C GLY C 503 12.41 27.43 -0.73
N GLU C 504 13.22 27.80 0.27
CA GLU C 504 14.67 27.60 0.27
C GLU C 504 15.35 28.31 -0.89
N ASN C 505 14.76 29.39 -1.38
CA ASN C 505 15.35 30.19 -2.45
C ASN C 505 15.99 31.45 -1.86
N LEU C 506 16.60 32.24 -2.76
CA LEU C 506 17.23 33.50 -2.38
C LEU C 506 16.40 34.70 -2.82
N LEU C 507 15.07 34.58 -2.80
CA LEU C 507 14.19 35.63 -3.28
C LEU C 507 14.30 36.86 -2.39
N THR C 508 14.76 37.97 -2.95
CA THR C 508 14.79 39.23 -2.20
C THR C 508 13.41 39.85 -2.10
N HIS C 509 12.61 39.74 -3.16
CA HIS C 509 11.27 40.31 -3.17
C HIS C 509 10.44 39.59 -4.23
N LEU C 510 9.12 39.74 -4.13
CA LEU C 510 8.24 39.16 -5.13
C LEU C 510 7.73 40.24 -6.07
N PRO C 511 7.56 39.92 -7.36
CA PRO C 511 7.07 40.92 -8.31
C PRO C 511 5.63 41.32 -8.02
N GLU C 512 5.30 42.56 -8.40
CA GLU C 512 3.94 43.05 -8.21
C GLU C 512 2.92 42.30 -9.04
N GLU C 513 3.35 41.62 -10.10
CA GLU C 513 2.43 40.86 -10.94
C GLU C 513 1.92 39.59 -10.29
N ILE C 514 2.48 39.21 -9.13
CA ILE C 514 2.05 37.99 -8.45
C ILE C 514 0.60 38.08 -8.00
N GLY C 515 0.05 39.27 -7.88
CA GLY C 515 -1.32 39.44 -7.44
C GLY C 515 -2.38 39.15 -8.48
N THR C 516 -1.99 38.97 -9.74
CA THR C 516 -2.93 38.67 -10.80
C THR C 516 -3.25 37.18 -10.91
N LEU C 517 -2.59 36.34 -10.11
CA LEU C 517 -2.82 34.90 -10.13
C LEU C 517 -4.04 34.61 -9.24
N GLU C 518 -5.23 34.72 -9.83
CA GLU C 518 -6.46 34.54 -9.07
C GLU C 518 -6.63 33.09 -8.63
N ASN C 519 -6.18 32.13 -9.44
CA ASN C 519 -6.38 30.71 -9.14
C ASN C 519 -5.32 30.14 -8.21
N LEU C 520 -4.35 30.95 -7.78
CA LEU C 520 -3.29 30.45 -6.89
C LEU C 520 -3.88 30.11 -5.53
N GLU C 521 -3.72 28.86 -5.12
CA GLU C 521 -4.24 28.38 -3.84
C GLU C 521 -3.17 28.12 -2.79
N GLU C 522 -1.98 27.67 -3.20
CA GLU C 522 -0.90 27.36 -2.27
C GLU C 522 0.35 28.12 -2.68
N LEU C 523 0.95 28.83 -1.73
CA LEU C 523 2.20 29.54 -1.94
C LEU C 523 3.16 29.21 -0.82
N TYR C 524 4.36 28.75 -1.18
CA TYR C 524 5.38 28.37 -0.20
C TYR C 524 6.56 29.31 -0.34
N LEU C 525 6.89 29.99 0.75
CA LEU C 525 7.99 30.95 0.77
C LEU C 525 8.95 30.73 1.93
N ASN C 526 8.85 29.60 2.63
CA ASN C 526 9.64 29.38 3.82
C ASN C 526 11.13 29.27 3.49
N ASP C 527 11.96 29.53 4.49
CA ASP C 527 13.41 29.40 4.46
C ASP C 527 14.09 30.39 3.51
N ASN C 528 13.37 31.42 3.05
CA ASN C 528 14.00 32.45 2.24
C ASN C 528 14.66 33.49 3.15
N PRO C 529 15.98 33.66 3.09
CA PRO C 529 16.64 34.59 4.02
C PRO C 529 16.59 36.04 3.59
N ASN C 530 16.28 36.34 2.33
CA ASN C 530 16.28 37.70 1.82
C ASN C 530 14.89 38.26 1.58
N LEU C 531 13.84 37.51 1.90
CA LEU C 531 12.46 37.96 1.68
C LEU C 531 12.06 38.84 2.87
N HIS C 532 12.39 40.12 2.77
CA HIS C 532 12.09 41.07 3.84
C HIS C 532 10.73 41.74 3.70
N SER C 533 10.05 41.57 2.58
CA SER C 533 8.75 42.22 2.38
C SER C 533 7.94 41.45 1.35
N LEU C 534 6.62 41.51 1.50
CA LEU C 534 5.67 40.92 0.56
C LEU C 534 4.88 42.00 -0.14
N PRO C 535 4.64 41.87 -1.44
CA PRO C 535 3.88 42.89 -2.17
C PRO C 535 2.45 42.97 -1.69
N PHE C 536 1.89 44.18 -1.77
CA PHE C 536 0.51 44.39 -1.35
C PHE C 536 -0.49 43.73 -2.29
N GLU C 537 -0.09 43.40 -3.52
CA GLU C 537 -0.98 42.72 -4.46
C GLU C 537 -1.26 41.28 -4.06
N LEU C 538 -0.49 40.72 -3.12
CA LEU C 538 -0.70 39.33 -2.71
C LEU C 538 -2.08 39.14 -2.08
N ALA C 539 -2.64 40.20 -1.48
CA ALA C 539 -3.96 40.10 -0.88
C ALA C 539 -5.07 39.92 -1.91
N LEU C 540 -4.80 40.22 -3.18
CA LEU C 540 -5.81 40.05 -4.22
C LEU C 540 -6.09 38.59 -4.52
N CYS C 541 -5.24 37.68 -4.08
CA CYS C 541 -5.44 36.24 -4.29
C CYS C 541 -6.49 35.75 -3.30
N SER C 542 -7.76 35.83 -3.72
CA SER C 542 -8.85 35.41 -2.85
C SER C 542 -8.83 33.90 -2.60
N LYS C 543 -8.36 33.12 -3.57
CA LYS C 543 -8.33 31.67 -3.45
C LYS C 543 -7.12 31.17 -2.67
N LEU C 544 -6.21 32.05 -2.28
CA LEU C 544 -5.03 31.65 -1.52
C LEU C 544 -5.46 31.14 -0.15
N SER C 545 -5.31 29.85 0.08
CA SER C 545 -5.74 29.21 1.33
C SER C 545 -4.57 28.80 2.21
N ILE C 546 -3.50 28.26 1.64
CA ILE C 546 -2.36 27.77 2.40
C ILE C 546 -1.12 28.56 2.00
N MET C 547 -0.43 29.11 2.99
CA MET C 547 0.80 29.85 2.75
C MET C 547 1.80 29.55 3.86
N SER C 548 3.06 29.35 3.47
CA SER C 548 4.14 29.09 4.40
C SER C 548 5.13 30.25 4.35
N ILE C 549 5.39 30.85 5.51
CA ILE C 549 6.26 32.02 5.60
C ILE C 549 7.32 31.77 6.66
N GLU C 550 7.59 30.49 6.95
CA GLU C 550 8.47 30.12 8.04
C GLU C 550 9.89 30.65 7.80
N ASN C 551 10.53 31.09 8.88
CA ASN C 551 11.93 31.51 8.92
C ASN C 551 12.21 32.74 8.08
N CYS C 552 11.19 33.37 7.50
CA CYS C 552 11.41 34.58 6.71
C CYS C 552 11.71 35.76 7.64
N PRO C 553 12.64 36.63 7.26
CA PRO C 553 12.97 37.78 8.12
C PRO C 553 11.81 38.78 8.20
N LEU C 554 11.29 39.21 7.06
CA LEU C 554 10.19 40.16 6.99
C LEU C 554 10.48 41.41 7.81
N SER C 555 11.69 41.95 7.65
CA SER C 555 12.12 43.11 8.42
C SER C 555 11.34 44.37 8.05
N HIS C 556 10.67 44.39 6.89
CA HIS C 556 9.92 45.55 6.45
C HIS C 556 8.46 45.50 6.90
N LEU C 557 8.08 44.55 7.73
CA LEU C 557 6.74 44.43 8.25
C LEU C 557 6.76 44.41 9.78
N PRO C 558 5.70 44.86 10.42
CA PRO C 558 5.66 44.87 11.89
C PRO C 558 5.82 43.46 12.45
N PRO C 559 6.57 43.31 13.54
CA PRO C 559 6.77 41.96 14.11
C PRO C 559 5.49 41.32 14.61
N GLN C 560 4.52 42.10 15.10
CA GLN C 560 3.29 41.54 15.61
C GLN C 560 2.51 40.83 14.51
N ILE C 561 2.42 41.44 13.33
CA ILE C 561 1.69 40.83 12.23
C ILE C 561 2.40 39.57 11.74
N VAL C 562 3.73 39.60 11.70
CA VAL C 562 4.50 38.43 11.30
C VAL C 562 4.28 37.27 12.27
N ALA C 563 4.32 37.56 13.57
CA ALA C 563 4.11 36.53 14.57
C ALA C 563 2.66 36.07 14.64
N GLY C 564 1.72 36.89 14.15
CA GLY C 564 0.32 36.49 14.20
C GLY C 564 0.02 35.29 13.33
N GLY C 565 0.61 35.23 12.14
CA GLY C 565 0.39 34.13 11.24
C GLY C 565 0.07 34.60 9.83
N PRO C 566 -0.05 33.65 8.90
CA PRO C 566 -0.36 34.02 7.51
C PRO C 566 -1.66 34.79 7.36
N SER C 567 -2.68 34.44 8.14
CA SER C 567 -3.96 35.14 8.05
C SER C 567 -3.81 36.61 8.44
N PHE C 568 -3.02 36.88 9.48
CA PHE C 568 -2.79 38.26 9.88
C PHE C 568 -2.06 39.04 8.80
N ILE C 569 -1.08 38.41 8.15
CA ILE C 569 -0.36 39.08 7.06
C ILE C 569 -1.31 39.38 5.91
N ILE C 570 -2.17 38.42 5.56
CA ILE C 570 -3.14 38.64 4.48
C ILE C 570 -4.08 39.78 4.83
N GLN C 571 -4.57 39.81 6.08
CA GLN C 571 -5.47 40.88 6.50
C GLN C 571 -4.78 42.23 6.46
N PHE C 572 -3.51 42.29 6.91
CA PHE C 572 -2.77 43.55 6.87
C PHE C 572 -2.57 44.02 5.44
N LEU C 573 -2.25 43.10 4.53
CA LEU C 573 -2.08 43.47 3.13
C LEU C 573 -3.39 43.97 2.53
N LYS C 574 -4.50 43.32 2.88
CA LYS C 574 -5.79 43.72 2.33
C LYS C 574 -6.23 45.09 2.86
N MET C 575 -6.05 45.32 4.16
CA MET C 575 -6.47 46.59 4.75
C MET C 575 -5.67 47.77 4.19
N GLN C 576 -4.36 47.59 4.01
CA GLN C 576 -3.49 48.66 3.52
C GLN C 576 -3.40 48.69 2.00
N GLY C 577 -4.08 47.79 1.31
CA GLY C 577 -4.07 47.77 -0.14
C GLY C 577 -4.67 49.04 -0.73
N PRO C 578 -3.97 49.64 -1.70
CA PRO C 578 -4.41 50.87 -2.36
C PRO C 578 -5.61 50.64 -3.27
#